data_3O07
#
_entry.id   3O07
#
_cell.length_a   60.474
_cell.length_b   111.972
_cell.length_c   158.744
_cell.angle_alpha   90.00
_cell.angle_beta   90.00
_cell.angle_gamma   90.00
#
_symmetry.space_group_name_H-M   'P 2 21 21'
#
loop_
_entity.id
_entity.type
_entity.pdbx_description
1 polymer 'Pyridoxine biosynthesis protein SNZ1'
2 non-polymer GLYCERALDEHYDE-3-PHOSPHATE
3 water water
#
_entity_poly.entity_id   1
_entity_poly.type   'polypeptide(L)'
_entity_poly.pdbx_seq_one_letter_code
;MHHHHHHGMLKGGVIMDVVTPEQAKIAEKSGACAVMALESIPADMRKSGKVCRMSDPKMIKDIMNSVSIPVMAKVRIGHF
VEAQIIEALEVDYIDESEVLTPADWTHHIEKDKFKVPFVCGAKDLGEALRRINEGAAMIRTKGEAGTGDVSEAVKHIRRI
TEEIKACQQLKSEDDIAKVAEEMRVPVSLLKDVLEKGKLPVVNFAAGGVATPADAALLMQLGCDGVFVGSGIFKSSNPVR
LATAVVEATTHFDNPSKLLEVSSDLGELMGGVSIESISHASNGVRLSEIGW
;
_entity_poly.pdbx_strand_id   A,B,C
#
loop_
_chem_comp.id
_chem_comp.type
_chem_comp.name
_chem_comp.formula
G3H non-polymer GLYCERALDEHYDE-3-PHOSPHATE 'C3 H7 O6 P'
#
# COMPACT_ATOMS: atom_id res chain seq x y z
N LEU A 10 15.26 -27.06 32.47
CA LEU A 10 13.99 -27.21 31.67
C LEU A 10 13.87 -28.58 31.02
N LYS A 11 15.02 -29.20 30.76
CA LYS A 11 15.10 -30.52 30.14
C LYS A 11 14.23 -31.56 30.85
N GLY A 12 13.38 -32.23 30.07
CA GLY A 12 12.46 -33.24 30.56
C GLY A 12 11.13 -32.67 31.03
N GLY A 13 10.93 -31.37 30.82
CA GLY A 13 9.76 -30.66 31.35
C GLY A 13 8.77 -30.11 30.33
N VAL A 14 7.69 -29.50 30.84
CA VAL A 14 6.61 -28.88 30.04
C VAL A 14 6.56 -27.36 30.24
N ILE A 15 6.50 -26.59 29.14
CA ILE A 15 6.30 -25.13 29.19
C ILE A 15 4.88 -24.82 28.70
N MET A 16 4.11 -24.08 29.50
CA MET A 16 2.68 -23.79 29.19
C MET A 16 2.40 -22.31 28.87
N ASP A 17 1.67 -22.06 27.78
CA ASP A 17 1.14 -20.72 27.44
C ASP A 17 0.06 -20.27 28.43
N VAL A 18 0.18 -19.05 28.97
CA VAL A 18 -0.78 -18.50 29.95
C VAL A 18 -1.11 -17.03 29.63
N VAL A 19 -2.39 -16.65 29.78
CA VAL A 19 -2.84 -15.28 29.47
C VAL A 19 -3.23 -14.41 30.69
N THR A 20 -3.24 -15.01 31.88
CA THR A 20 -3.53 -14.31 33.15
C THR A 20 -2.68 -14.83 34.31
N PRO A 21 -2.55 -14.04 35.39
CA PRO A 21 -1.87 -14.52 36.60
C PRO A 21 -2.49 -15.82 37.18
N GLU A 22 -3.81 -15.95 37.17
CA GLU A 22 -4.46 -17.16 37.69
C GLU A 22 -4.18 -18.41 36.83
N GLN A 23 -4.07 -18.24 35.51
CA GLN A 23 -3.62 -19.34 34.65
C GLN A 23 -2.19 -19.77 34.97
N ALA A 24 -1.30 -18.80 35.21
CA ALA A 24 0.09 -19.11 35.60
C ALA A 24 0.16 -19.95 36.87
N LYS A 25 -0.72 -19.64 37.83
CA LYS A 25 -0.77 -20.41 39.10
C LYS A 25 -1.21 -21.88 38.94
N ILE A 26 -2.17 -22.12 38.05
CA ILE A 26 -2.58 -23.48 37.68
C ILE A 26 -1.42 -24.24 37.05
N ALA A 27 -0.72 -23.59 36.12
CA ALA A 27 0.44 -24.22 35.47
C ALA A 27 1.51 -24.63 36.49
N GLU A 28 1.83 -23.73 37.41
CA GLU A 28 2.80 -24.01 38.47
C GLU A 28 2.37 -25.20 39.36
N LYS A 29 1.12 -25.19 39.82
CA LYS A 29 0.60 -26.27 40.68
C LYS A 29 0.53 -27.64 39.97
N SER A 30 0.35 -27.62 38.65
N SER A 30 0.35 -27.62 38.65
CA SER A 30 0.27 -28.87 37.86
CA SER A 30 0.27 -28.87 37.86
C SER A 30 1.65 -29.48 37.55
C SER A 30 1.65 -29.50 37.61
N GLY A 31 2.72 -28.73 37.85
CA GLY A 31 4.09 -29.22 37.68
C GLY A 31 4.85 -28.74 36.44
N ALA A 32 4.37 -27.68 35.80
CA ALA A 32 5.10 -27.08 34.67
C ALA A 32 6.49 -26.61 35.09
N CYS A 33 7.44 -26.69 34.16
N CYS A 33 7.47 -26.72 34.19
CA CYS A 33 8.82 -26.24 34.39
CA CYS A 33 8.82 -26.21 34.46
C CYS A 33 9.03 -24.74 34.14
C CYS A 33 8.93 -24.70 34.27
N ALA A 34 8.13 -24.15 33.36
CA ALA A 34 8.14 -22.70 33.07
C ALA A 34 6.80 -22.29 32.44
N VAL A 35 6.53 -20.98 32.38
CA VAL A 35 5.36 -20.47 31.65
C VAL A 35 5.75 -19.47 30.55
N MET A 36 4.90 -19.38 29.52
CA MET A 36 5.05 -18.40 28.43
C MET A 36 3.92 -17.38 28.53
N ALA A 37 4.27 -16.12 28.83
CA ALA A 37 3.28 -15.06 29.03
C ALA A 37 2.89 -14.42 27.70
N LEU A 38 1.58 -14.34 27.43
CA LEU A 38 1.07 -13.69 26.21
C LEU A 38 -0.31 -13.07 26.44
N GLU A 39 -0.56 -11.91 25.84
CA GLU A 39 -1.81 -11.17 26.11
C GLU A 39 -2.98 -11.62 25.23
N SER A 40 -2.66 -12.14 24.06
CA SER A 40 -3.66 -12.62 23.11
C SER A 40 -3.20 -13.92 22.52
N ILE A 41 -4.15 -14.82 22.27
CA ILE A 41 -3.88 -16.07 21.58
C ILE A 41 -3.72 -15.76 20.08
N PRO A 42 -2.50 -15.92 19.54
CA PRO A 42 -2.21 -15.50 18.16
C PRO A 42 -3.01 -16.29 17.12
N ALA A 43 -3.39 -17.52 17.46
CA ALA A 43 -4.23 -18.36 16.60
C ALA A 43 -5.65 -17.81 16.43
N ASP A 44 -6.16 -17.18 17.50
CA ASP A 44 -7.46 -16.50 17.44
C ASP A 44 -7.37 -15.21 16.62
N MET A 45 -6.21 -14.57 16.66
CA MET A 45 -5.98 -13.30 15.96
C MET A 45 -5.54 -13.48 14.50
N ARG A 46 -5.01 -14.66 14.18
CA ARG A 46 -4.69 -15.03 12.80
C ARG A 46 -5.97 -15.13 11.96
N LYS A 47 -7.05 -15.59 12.59
CA LYS A 47 -8.35 -15.71 11.93
C LYS A 47 -9.02 -14.36 11.68
N SER A 48 -8.58 -13.35 12.44
CA SER A 48 -9.14 -12.00 12.34
C SER A 48 -8.33 -11.09 11.40
N GLY A 49 -7.26 -11.63 10.83
CA GLY A 49 -6.38 -10.88 9.92
C GLY A 49 -5.46 -9.87 10.60
N LYS A 50 -5.45 -9.90 11.93
CA LYS A 50 -4.77 -8.88 12.72
C LYS A 50 -3.26 -9.06 12.78
N VAL A 51 -2.54 -7.96 13.03
CA VAL A 51 -1.11 -7.99 13.32
C VAL A 51 -0.91 -8.38 14.79
N CYS A 52 -0.04 -9.37 15.03
N CYS A 52 -0.04 -9.37 15.03
CA CYS A 52 0.27 -9.85 16.37
CA CYS A 52 0.27 -9.83 16.38
C CYS A 52 1.69 -9.47 16.75
C CYS A 52 1.69 -9.45 16.74
N ARG A 53 1.84 -8.74 17.86
CA ARG A 53 3.14 -8.15 18.28
C ARG A 53 3.57 -8.62 19.70
N MET A 54 4.71 -8.12 20.19
CA MET A 54 5.10 -8.24 21.61
C MET A 54 3.94 -7.82 22.52
N SER A 55 3.75 -8.51 23.65
CA SER A 55 2.71 -8.19 24.63
C SER A 55 3.11 -6.97 25.48
N ASP A 56 2.12 -6.29 26.08
CA ASP A 56 2.38 -5.15 26.99
C ASP A 56 3.25 -5.57 28.18
N PRO A 57 4.38 -4.89 28.42
CA PRO A 57 5.24 -5.21 29.57
C PRO A 57 4.53 -5.26 30.93
N LYS A 58 3.44 -4.51 31.09
CA LYS A 58 2.64 -4.56 32.33
C LYS A 58 2.02 -5.94 32.58
N MET A 59 1.45 -6.55 31.54
CA MET A 59 0.81 -7.85 31.73
C MET A 59 1.85 -8.96 31.98
N ILE A 60 3.01 -8.85 31.35
CA ILE A 60 4.12 -9.81 31.55
C ILE A 60 4.63 -9.72 33.00
N LYS A 61 4.83 -8.49 33.49
CA LYS A 61 5.30 -8.29 34.86
C LYS A 61 4.32 -8.83 35.91
N ASP A 62 3.02 -8.66 35.65
CA ASP A 62 1.99 -9.17 36.56
C ASP A 62 2.03 -10.71 36.65
N ILE A 63 2.37 -11.37 35.54
CA ILE A 63 2.57 -12.83 35.55
C ILE A 63 3.87 -13.22 36.27
N MET A 64 4.94 -12.46 36.02
CA MET A 64 6.23 -12.66 36.72
C MET A 64 6.10 -12.61 38.25
N ASN A 65 5.23 -11.72 38.73
CA ASN A 65 4.98 -11.56 40.17
C ASN A 65 4.13 -12.68 40.81
N SER A 66 3.51 -13.52 39.98
N SER A 66 3.51 -13.52 39.98
CA SER A 66 2.53 -14.51 40.46
CA SER A 66 2.53 -14.51 40.46
C SER A 66 3.10 -15.90 40.72
C SER A 66 3.07 -15.93 40.68
N VAL A 67 4.26 -16.22 40.14
CA VAL A 67 4.87 -17.57 40.25
C VAL A 67 6.37 -17.51 40.55
N SER A 68 6.91 -18.64 41.01
N SER A 68 6.94 -18.64 40.99
CA SER A 68 8.35 -18.78 41.29
CA SER A 68 8.39 -18.70 41.25
C SER A 68 9.07 -19.79 40.38
C SER A 68 9.18 -19.37 40.13
N ILE A 69 8.49 -20.04 39.21
CA ILE A 69 9.15 -20.75 38.10
C ILE A 69 9.50 -19.72 36.99
N PRO A 70 10.41 -20.07 36.06
CA PRO A 70 10.82 -19.11 35.01
C PRO A 70 9.69 -18.67 34.08
N VAL A 71 9.80 -17.45 33.57
CA VAL A 71 8.80 -16.86 32.67
C VAL A 71 9.47 -16.50 31.32
N MET A 72 8.84 -16.91 30.21
N MET A 72 8.83 -16.90 30.22
CA MET A 72 9.29 -16.59 28.86
CA MET A 72 9.27 -16.56 28.87
C MET A 72 8.30 -15.64 28.17
C MET A 72 8.31 -15.55 28.23
N ALA A 73 8.77 -14.85 27.19
CA ALA A 73 7.90 -13.97 26.39
C ALA A 73 8.31 -13.99 24.91
N LYS A 74 7.38 -13.69 24.01
CA LYS A 74 7.62 -13.75 22.55
C LYS A 74 7.90 -12.39 21.92
N VAL A 75 8.69 -12.39 20.84
CA VAL A 75 8.90 -11.19 19.97
C VAL A 75 8.79 -11.58 18.49
N ARG A 76 8.49 -10.59 17.63
CA ARG A 76 8.40 -10.82 16.17
C ARG A 76 9.77 -11.14 15.55
N ILE A 77 9.79 -12.01 14.54
CA ILE A 77 11.03 -12.34 13.81
C ILE A 77 11.71 -11.06 13.30
N GLY A 78 12.99 -10.90 13.67
CA GLY A 78 13.78 -9.74 13.27
C GLY A 78 13.59 -8.46 14.07
N HIS A 79 12.68 -8.47 15.05
CA HIS A 79 12.41 -7.23 15.80
C HIS A 79 13.33 -7.07 17.00
N PHE A 80 14.56 -6.62 16.73
CA PHE A 80 15.58 -6.54 17.79
C PHE A 80 15.27 -5.51 18.88
N VAL A 81 14.44 -4.50 18.57
CA VAL A 81 14.02 -3.53 19.60
C VAL A 81 12.97 -4.10 20.58
N GLU A 82 11.98 -4.83 20.08
CA GLU A 82 11.10 -5.61 20.97
C GLU A 82 11.97 -6.46 21.93
N ALA A 83 13.02 -7.10 21.41
CA ALA A 83 13.90 -7.95 22.25
C ALA A 83 14.68 -7.14 23.30
N GLN A 84 15.15 -5.95 22.92
CA GLN A 84 15.85 -5.04 23.86
C GLN A 84 14.96 -4.64 25.04
N ILE A 85 13.69 -4.34 24.75
CA ILE A 85 12.68 -4.02 25.78
C ILE A 85 12.41 -5.19 26.74
N ILE A 86 12.22 -6.39 26.18
CA ILE A 86 11.94 -7.59 26.96
C ILE A 86 13.14 -8.02 27.83
N GLU A 87 14.35 -7.84 27.30
CA GLU A 87 15.55 -8.07 28.10
C GLU A 87 15.65 -7.12 29.31
N ALA A 88 15.36 -5.85 29.08
CA ALA A 88 15.35 -4.84 30.16
C ALA A 88 14.32 -5.13 31.26
N LEU A 89 13.22 -5.79 30.88
CA LEU A 89 12.18 -6.23 31.83
C LEU A 89 12.64 -7.38 32.76
N GLU A 90 13.72 -8.07 32.38
CA GLU A 90 14.29 -9.18 33.14
C GLU A 90 13.47 -10.50 33.10
N VAL A 91 12.91 -10.79 31.92
CA VAL A 91 12.34 -12.12 31.67
C VAL A 91 13.47 -13.16 31.60
N ASP A 92 13.11 -14.44 31.75
CA ASP A 92 14.10 -15.53 31.79
C ASP A 92 14.56 -16.05 30.41
N TYR A 93 13.65 -16.05 29.43
CA TYR A 93 13.95 -16.48 28.05
C TYR A 93 13.12 -15.67 27.06
N ILE A 94 13.65 -15.49 25.85
CA ILE A 94 12.90 -14.88 24.73
C ILE A 94 12.66 -15.90 23.59
N ASP A 95 11.41 -15.99 23.12
CA ASP A 95 11.04 -16.82 21.96
C ASP A 95 10.90 -15.91 20.73
N GLU A 96 11.83 -16.00 19.79
CA GLU A 96 11.71 -15.29 18.49
C GLU A 96 10.77 -16.13 17.62
N SER A 97 9.50 -15.71 17.55
CA SER A 97 8.41 -16.63 17.16
C SER A 97 7.73 -16.37 15.81
N GLU A 98 7.65 -17.43 15.00
CA GLU A 98 6.94 -17.40 13.71
C GLU A 98 5.40 -17.31 13.83
N VAL A 99 4.87 -17.49 15.04
CA VAL A 99 3.42 -17.36 15.30
C VAL A 99 2.98 -15.88 15.34
N LEU A 100 3.89 -15.00 15.75
CA LEU A 100 3.68 -13.55 15.63
C LEU A 100 3.89 -13.10 14.18
N THR A 101 3.50 -11.87 13.84
CA THR A 101 3.64 -11.35 12.48
C THR A 101 5.10 -10.93 12.23
N PRO A 102 5.82 -11.57 11.27
CA PRO A 102 7.24 -11.22 11.12
C PRO A 102 7.49 -9.74 10.84
N ALA A 103 8.57 -9.19 11.42
CA ALA A 103 8.99 -7.80 11.20
C ALA A 103 10.05 -7.62 10.11
N ASP A 104 10.91 -8.63 9.91
CA ASP A 104 11.98 -8.60 8.91
C ASP A 104 12.01 -9.95 8.19
N TRP A 105 11.58 -9.96 6.93
CA TRP A 105 11.49 -11.20 6.13
C TRP A 105 12.84 -11.70 5.56
N THR A 106 13.91 -10.94 5.79
CA THR A 106 15.26 -11.34 5.35
C THR A 106 16.20 -11.74 6.51
N HIS A 107 16.21 -10.94 7.58
CA HIS A 107 17.16 -11.11 8.69
C HIS A 107 16.51 -11.41 10.05
N HIS A 108 16.94 -12.50 10.71
CA HIS A 108 16.58 -12.73 12.12
C HIS A 108 17.46 -11.89 13.06
N ILE A 109 17.09 -11.86 14.33
CA ILE A 109 17.80 -11.11 15.38
C ILE A 109 19.24 -11.64 15.59
N GLU A 110 20.18 -10.72 15.81
CA GLU A 110 21.56 -11.08 16.21
C GLU A 110 21.58 -11.45 17.70
N LYS A 111 21.24 -12.71 17.98
CA LYS A 111 20.95 -13.16 19.34
C LYS A 111 22.19 -13.21 20.25
N ASP A 112 23.37 -13.34 19.64
CA ASP A 112 24.63 -13.37 20.42
C ASP A 112 25.04 -12.00 21.01
N LYS A 113 24.29 -10.95 20.70
CA LYS A 113 24.52 -9.63 21.29
C LYS A 113 23.70 -9.37 22.57
N PHE A 114 22.96 -10.40 23.01
CA PHE A 114 22.09 -10.32 24.19
C PHE A 114 22.63 -11.21 25.31
N LYS A 115 22.30 -10.86 26.55
CA LYS A 115 22.63 -11.71 27.71
C LYS A 115 21.57 -12.79 27.97
N VAL A 116 20.30 -12.45 27.74
CA VAL A 116 19.16 -13.37 27.91
C VAL A 116 19.17 -14.46 26.80
N PRO A 117 18.90 -15.73 27.16
CA PRO A 117 18.86 -16.80 26.14
C PRO A 117 17.61 -16.77 25.25
N PHE A 118 17.74 -17.23 24.01
CA PHE A 118 16.65 -17.29 23.01
C PHE A 118 16.26 -18.72 22.63
N VAL A 119 14.97 -18.96 22.38
CA VAL A 119 14.52 -20.18 21.69
C VAL A 119 13.99 -19.82 20.28
N CYS A 120 14.33 -20.63 19.28
CA CYS A 120 13.87 -20.45 17.90
C CYS A 120 13.27 -21.74 17.33
N GLY A 121 12.35 -21.61 16.37
CA GLY A 121 11.78 -22.78 15.66
C GLY A 121 12.59 -23.22 14.44
N ALA A 122 12.44 -24.49 14.06
CA ALA A 122 13.10 -25.04 12.86
C ALA A 122 12.31 -26.22 12.26
N LYS A 123 12.25 -26.28 10.92
CA LYS A 123 11.55 -27.37 10.22
C LYS A 123 12.48 -28.39 9.55
N ASP A 124 13.77 -28.08 9.48
CA ASP A 124 14.79 -28.96 8.86
C ASP A 124 16.20 -28.66 9.39
N LEU A 125 17.20 -29.41 8.93
CA LEU A 125 18.56 -29.28 9.49
C LEU A 125 19.21 -27.93 9.18
N GLY A 126 19.11 -27.49 7.93
CA GLY A 126 19.66 -26.17 7.53
C GLY A 126 19.14 -25.03 8.39
N GLU A 127 17.81 -24.99 8.59
CA GLU A 127 17.17 -23.99 9.44
C GLU A 127 17.66 -24.02 10.89
N ALA A 128 17.73 -25.22 11.47
CA ALA A 128 18.25 -25.39 12.83
C ALA A 128 19.67 -24.83 12.99
N LEU A 129 20.54 -25.13 12.03
CA LEU A 129 21.94 -24.69 12.09
C LEU A 129 22.11 -23.17 11.89
N ARG A 130 21.27 -22.57 11.04
CA ARG A 130 21.27 -21.10 10.90
C ARG A 130 20.86 -20.38 12.20
N ARG A 131 19.80 -20.88 12.85
CA ARG A 131 19.36 -20.30 14.13
C ARG A 131 20.42 -20.42 15.23
N ILE A 132 21.08 -21.57 15.30
CA ILE A 132 22.19 -21.80 16.27
C ILE A 132 23.38 -20.86 15.97
N ASN A 133 23.74 -20.74 14.70
CA ASN A 133 24.86 -19.84 14.28
C ASN A 133 24.58 -18.38 14.64
N GLU A 134 23.32 -17.97 14.56
CA GLU A 134 22.89 -16.62 14.94
C GLU A 134 22.90 -16.36 16.45
N GLY A 135 22.88 -17.44 17.25
CA GLY A 135 23.02 -17.36 18.70
C GLY A 135 21.96 -18.03 19.58
N ALA A 136 21.02 -18.78 18.98
CA ALA A 136 19.95 -19.42 19.75
C ALA A 136 20.50 -20.43 20.77
N ALA A 137 19.88 -20.44 21.96
CA ALA A 137 20.26 -21.36 23.06
C ALA A 137 19.47 -22.70 23.05
N MET A 138 18.29 -22.68 22.44
N MET A 138 18.27 -22.66 22.47
CA MET A 138 17.36 -23.82 22.40
CA MET A 138 17.36 -23.80 22.39
C MET A 138 16.64 -23.82 21.05
C MET A 138 16.71 -23.82 21.01
N ILE A 139 16.39 -25.01 20.51
CA ILE A 139 15.59 -25.16 19.27
C ILE A 139 14.26 -25.86 19.62
N ARG A 140 13.21 -25.59 18.83
CA ARG A 140 11.92 -26.28 18.95
C ARG A 140 11.34 -26.55 17.56
N THR A 141 10.42 -27.51 17.44
CA THR A 141 9.73 -27.71 16.15
C THR A 141 8.81 -26.52 15.86
N LYS A 142 8.45 -26.33 14.60
CA LYS A 142 7.48 -25.30 14.25
C LYS A 142 6.06 -25.85 14.42
N GLY A 143 5.80 -27.02 13.87
CA GLY A 143 4.46 -27.64 13.96
C GLY A 143 3.42 -26.78 13.24
N GLU A 144 2.17 -26.87 13.70
CA GLU A 144 1.09 -26.02 13.19
C GLU A 144 0.28 -25.51 14.38
N ALA A 145 0.61 -24.30 14.85
CA ALA A 145 0.07 -23.76 16.09
C ALA A 145 -1.43 -23.46 16.07
N GLY A 146 -2.12 -23.89 17.14
CA GLY A 146 -3.57 -23.81 17.25
C GLY A 146 -4.54 -24.82 16.57
N THR A 147 -4.04 -25.73 15.78
CA THR A 147 -4.90 -26.63 15.05
C THR A 147 -5.15 -27.96 15.81
N GLY A 148 -4.32 -28.25 16.79
CA GLY A 148 -4.35 -29.51 17.55
C GLY A 148 -3.98 -30.77 16.78
N ASP A 149 -3.33 -30.60 15.61
CA ASP A 149 -2.89 -31.71 14.76
C ASP A 149 -1.39 -31.92 14.95
N VAL A 150 -1.02 -33.06 15.54
CA VAL A 150 0.38 -33.34 15.92
C VAL A 150 1.32 -33.66 14.73
N SER A 151 0.74 -33.95 13.56
CA SER A 151 1.54 -34.44 12.40
C SER A 151 2.66 -33.49 11.91
N GLU A 152 2.48 -32.17 12.06
CA GLU A 152 3.52 -31.24 11.60
C GLU A 152 4.77 -31.25 12.49
N ALA A 153 4.58 -31.35 13.81
CA ALA A 153 5.71 -31.51 14.75
C ALA A 153 6.48 -32.82 14.51
N VAL A 154 5.73 -33.90 14.27
CA VAL A 154 6.31 -35.19 13.92
C VAL A 154 7.16 -35.08 12.64
N LYS A 155 6.62 -34.42 11.61
CA LYS A 155 7.32 -34.22 10.34
C LYS A 155 8.70 -33.56 10.53
N HIS A 156 8.72 -32.51 11.37
CA HIS A 156 9.94 -31.73 11.59
C HIS A 156 11.03 -32.49 12.34
N ILE A 157 10.66 -33.21 13.41
CA ILE A 157 11.65 -34.01 14.13
C ILE A 157 12.22 -35.16 13.26
N ARG A 158 11.35 -35.82 12.50
CA ARG A 158 11.75 -36.89 11.55
C ARG A 158 12.70 -36.37 10.47
N ARG A 159 12.39 -35.19 9.94
CA ARG A 159 13.22 -34.58 8.90
C ARG A 159 14.63 -34.31 9.38
N ILE A 160 14.77 -33.64 10.52
CA ILE A 160 16.10 -33.32 11.06
C ILE A 160 16.94 -34.60 11.24
N THR A 161 16.33 -35.64 11.81
CA THR A 161 16.99 -36.95 12.00
C THR A 161 17.43 -37.59 10.68
N GLU A 162 16.56 -37.57 9.67
CA GLU A 162 16.82 -38.13 8.33
C GLU A 162 17.99 -37.40 7.64
N GLU A 163 18.02 -36.08 7.76
CA GLU A 163 19.04 -35.26 7.08
C GLU A 163 20.42 -35.44 7.73
N ILE A 164 20.46 -35.60 9.05
CA ILE A 164 21.73 -35.94 9.75
C ILE A 164 22.28 -37.28 9.22
N LYS A 165 21.43 -38.31 9.17
CA LYS A 165 21.86 -39.63 8.68
C LYS A 165 22.34 -39.59 7.23
N ALA A 166 21.64 -38.85 6.38
CA ALA A 166 22.00 -38.71 4.98
C ALA A 166 23.39 -38.07 4.79
N CYS A 167 23.65 -37.01 5.56
CA CYS A 167 24.95 -36.33 5.51
C CYS A 167 26.10 -37.18 6.08
N GLN A 168 25.76 -38.06 7.03
CA GLN A 168 26.74 -39.00 7.62
C GLN A 168 27.27 -40.02 6.61
N GLN A 169 26.55 -40.20 5.50
CA GLN A 169 26.97 -41.14 4.46
C GLN A 169 28.01 -40.57 3.50
N LEU A 170 28.16 -39.23 3.51
CA LEU A 170 29.11 -38.55 2.63
C LEU A 170 30.55 -38.89 2.99
N LYS A 171 31.31 -39.33 2.00
CA LYS A 171 32.70 -39.73 2.21
C LYS A 171 33.71 -38.58 2.03
N SER A 172 33.37 -37.61 1.18
CA SER A 172 34.25 -36.50 0.83
C SER A 172 34.07 -35.25 1.71
N GLU A 173 35.17 -34.75 2.27
CA GLU A 173 35.16 -33.49 3.04
C GLU A 173 34.81 -32.27 2.18
N ASP A 174 35.14 -32.32 0.89
CA ASP A 174 34.76 -31.27 -0.04
C ASP A 174 33.24 -31.25 -0.23
N ASP A 175 32.62 -32.44 -0.26
CA ASP A 175 31.17 -32.56 -0.35
C ASP A 175 30.45 -32.02 0.89
N ILE A 176 31.03 -32.29 2.07
CA ILE A 176 30.52 -31.72 3.33
C ILE A 176 30.60 -30.18 3.31
N ALA A 177 31.72 -29.65 2.81
CA ALA A 177 31.90 -28.21 2.71
C ALA A 177 30.88 -27.55 1.78
N LYS A 178 30.50 -28.24 0.71
CA LYS A 178 29.49 -27.77 -0.23
C LYS A 178 28.09 -27.69 0.41
N VAL A 179 27.76 -28.68 1.24
CA VAL A 179 26.48 -28.68 1.98
C VAL A 179 26.41 -27.49 2.95
N ALA A 180 27.50 -27.24 3.68
CA ALA A 180 27.53 -26.12 4.62
C ALA A 180 27.38 -24.76 3.91
N GLU A 181 27.97 -24.63 2.74
CA GLU A 181 27.86 -23.39 1.95
C GLU A 181 26.42 -23.12 1.53
N GLU A 182 25.73 -24.17 1.08
CA GLU A 182 24.31 -24.11 0.70
C GLU A 182 23.40 -23.75 1.88
N MET A 183 23.75 -24.24 3.06
CA MET A 183 23.01 -23.95 4.30
C MET A 183 23.32 -22.57 4.86
N ARG A 184 24.39 -21.93 4.38
CA ARG A 184 24.88 -20.64 4.89
C ARG A 184 25.36 -20.67 6.34
N VAL A 185 26.09 -21.74 6.71
CA VAL A 185 26.66 -21.89 8.06
C VAL A 185 28.14 -22.32 7.98
N PRO A 186 28.93 -22.09 9.06
CA PRO A 186 30.34 -22.54 9.02
C PRO A 186 30.47 -24.06 8.95
N VAL A 187 31.47 -24.54 8.20
CA VAL A 187 31.66 -25.99 8.04
C VAL A 187 31.92 -26.73 9.37
N SER A 188 32.58 -26.04 10.31
CA SER A 188 32.86 -26.59 11.65
C SER A 188 31.59 -26.98 12.43
N LEU A 189 30.52 -26.20 12.25
CA LEU A 189 29.23 -26.50 12.91
C LEU A 189 28.58 -27.75 12.35
N LEU A 190 28.55 -27.89 11.02
CA LEU A 190 27.99 -29.08 10.39
C LEU A 190 28.81 -30.33 10.74
N LYS A 191 30.14 -30.20 10.72
CA LYS A 191 31.02 -31.33 11.08
C LYS A 191 30.75 -31.87 12.49
N ASP A 192 30.58 -30.97 13.47
CA ASP A 192 30.28 -31.37 14.84
C ASP A 192 28.99 -32.21 14.91
N VAL A 193 27.96 -31.77 14.20
CA VAL A 193 26.67 -32.49 14.15
C VAL A 193 26.80 -33.90 13.54
N LEU A 194 27.60 -34.04 12.48
CA LEU A 194 27.78 -35.33 11.81
C LEU A 194 28.62 -36.34 12.61
N GLU A 195 29.53 -35.84 13.43
CA GLU A 195 30.34 -36.65 14.34
C GLU A 195 29.51 -37.21 15.49
N LYS A 196 28.70 -36.35 16.11
CA LYS A 196 27.96 -36.69 17.33
C LYS A 196 26.53 -37.20 17.09
N GLY A 197 26.03 -37.03 15.87
CA GLY A 197 24.70 -37.50 15.48
C GLY A 197 23.53 -36.76 16.10
N LYS A 198 23.75 -35.50 16.47
CA LYS A 198 22.77 -34.64 17.11
C LYS A 198 23.14 -33.14 17.09
N LEU A 199 22.14 -32.28 17.31
CA LEU A 199 22.39 -30.85 17.45
C LEU A 199 23.15 -30.54 18.74
N PRO A 200 23.92 -29.43 18.77
CA PRO A 200 24.67 -29.02 19.98
C PRO A 200 23.83 -28.38 21.11
N VAL A 201 22.54 -28.15 20.86
CA VAL A 201 21.62 -27.64 21.88
C VAL A 201 20.37 -28.53 21.96
N VAL A 202 19.58 -28.38 23.04
CA VAL A 202 18.33 -29.16 23.19
C VAL A 202 17.31 -28.81 22.10
N ASN A 203 16.45 -29.79 21.75
CA ASN A 203 15.38 -29.61 20.76
C ASN A 203 14.03 -30.05 21.35
N PHE A 204 13.14 -29.09 21.59
CA PHE A 204 11.82 -29.35 22.20
C PHE A 204 10.71 -29.55 21.16
N ALA A 205 9.66 -30.29 21.53
CA ALA A 205 8.45 -30.41 20.69
C ALA A 205 7.57 -29.19 20.88
N ALA A 206 6.94 -28.71 19.80
CA ALA A 206 6.04 -27.53 19.85
C ALA A 206 5.11 -27.44 18.64
N GLY A 207 3.89 -26.97 18.87
CA GLY A 207 2.91 -26.77 17.80
C GLY A 207 2.08 -28.01 17.52
N GLY A 208 0.83 -28.02 18.00
CA GLY A 208 -0.08 -29.14 17.74
C GLY A 208 -0.09 -30.27 18.76
N VAL A 209 0.59 -30.10 19.89
CA VAL A 209 0.56 -31.09 20.98
C VAL A 209 -0.74 -30.92 21.76
N ALA A 210 -1.67 -31.87 21.63
CA ALA A 210 -3.03 -31.72 22.15
C ALA A 210 -3.37 -32.63 23.32
N THR A 211 -2.84 -33.86 23.30
CA THR A 211 -3.17 -34.88 24.32
C THR A 211 -1.92 -35.38 25.07
N PRO A 212 -2.10 -36.04 26.24
CA PRO A 212 -0.98 -36.72 26.88
C PRO A 212 -0.25 -37.72 25.96
N ALA A 213 -1.00 -38.46 25.14
CA ALA A 213 -0.41 -39.40 24.20
C ALA A 213 0.53 -38.69 23.19
N ASP A 214 0.12 -37.50 22.74
CA ASP A 214 0.93 -36.68 21.80
C ASP A 214 2.28 -36.29 22.44
N ALA A 215 2.24 -35.90 23.72
CA ALA A 215 3.45 -35.49 24.44
C ALA A 215 4.46 -36.64 24.51
N ALA A 216 3.96 -37.81 24.91
CA ALA A 216 4.82 -39.01 25.03
C ALA A 216 5.35 -39.48 23.67
N LEU A 217 4.53 -39.36 22.63
CA LEU A 217 4.97 -39.67 21.26
C LEU A 217 6.21 -38.87 20.87
N LEU A 218 6.19 -37.56 21.10
N LEU A 218 6.18 -37.56 21.10
CA LEU A 218 7.31 -36.71 20.72
CA LEU A 218 7.31 -36.70 20.74
C LEU A 218 8.58 -36.97 21.56
C LEU A 218 8.57 -36.97 21.57
N MET A 219 8.39 -37.29 22.84
CA MET A 219 9.53 -37.70 23.71
C MET A 219 10.17 -39.03 23.22
N GLN A 220 9.34 -39.99 22.82
CA GLN A 220 9.85 -41.25 22.26
C GLN A 220 10.61 -41.07 20.91
N LEU A 221 10.28 -39.99 20.19
CA LEU A 221 10.94 -39.66 18.92
C LEU A 221 12.25 -38.88 19.12
N GLY A 222 12.56 -38.55 20.36
CA GLY A 222 13.86 -37.96 20.71
C GLY A 222 13.87 -36.50 21.16
N CYS A 223 12.68 -35.91 21.33
CA CYS A 223 12.62 -34.53 21.85
C CYS A 223 13.07 -34.45 23.31
N ASP A 224 13.55 -33.28 23.71
CA ASP A 224 14.09 -33.05 25.06
C ASP A 224 13.08 -32.50 26.06
N GLY A 225 11.92 -32.07 25.55
CA GLY A 225 10.84 -31.50 26.38
C GLY A 225 9.69 -31.07 25.47
N VAL A 226 8.67 -30.43 26.07
CA VAL A 226 7.41 -30.12 25.37
C VAL A 226 6.86 -28.70 25.67
N PHE A 227 6.52 -27.94 24.62
CA PHE A 227 5.71 -26.71 24.73
C PHE A 227 4.24 -27.03 24.42
N VAL A 228 3.31 -26.56 25.26
CA VAL A 228 1.86 -26.66 24.97
C VAL A 228 1.16 -25.28 24.93
N GLY A 229 0.11 -25.18 24.11
CA GLY A 229 -0.57 -23.91 23.85
C GLY A 229 -1.85 -23.67 24.66
N SER A 230 -2.65 -22.71 24.22
CA SER A 230 -3.85 -22.30 24.96
C SER A 230 -4.99 -23.33 24.99
N GLY A 231 -4.87 -24.39 24.20
CA GLY A 231 -5.82 -25.51 24.22
C GLY A 231 -6.07 -26.13 25.59
N ILE A 232 -5.04 -26.11 26.45
CA ILE A 232 -5.14 -26.59 27.82
C ILE A 232 -6.30 -25.89 28.55
N PHE A 233 -6.37 -24.57 28.42
CA PHE A 233 -7.33 -23.78 29.20
C PHE A 233 -8.71 -23.62 28.54
N LYS A 234 -8.87 -24.25 27.37
CA LYS A 234 -10.18 -24.31 26.69
C LYS A 234 -10.92 -25.63 26.93
N SER A 235 -10.27 -26.58 27.59
CA SER A 235 -10.87 -27.88 27.90
C SER A 235 -11.82 -27.81 29.10
N SER A 236 -12.58 -28.88 29.32
CA SER A 236 -13.55 -28.99 30.42
C SER A 236 -12.91 -28.89 31.80
N ASN A 237 -11.74 -29.50 31.96
CA ASN A 237 -11.01 -29.54 33.22
C ASN A 237 -9.53 -29.24 32.99
N PRO A 238 -9.14 -27.95 32.97
CA PRO A 238 -7.75 -27.52 32.70
C PRO A 238 -6.70 -28.09 33.66
N VAL A 239 -6.95 -28.04 34.97
CA VAL A 239 -6.01 -28.58 35.96
C VAL A 239 -5.74 -30.08 35.72
N ARG A 240 -6.80 -30.83 35.45
CA ARG A 240 -6.70 -32.26 35.17
C ARG A 240 -5.86 -32.53 33.91
N LEU A 241 -6.15 -31.79 32.83
CA LEU A 241 -5.43 -31.97 31.57
C LEU A 241 -3.96 -31.53 31.68
N ALA A 242 -3.72 -30.38 32.31
CA ALA A 242 -2.34 -29.89 32.53
C ALA A 242 -1.50 -30.91 33.31
N THR A 243 -2.06 -31.44 34.40
CA THR A 243 -1.38 -32.44 35.24
C THR A 243 -1.08 -33.71 34.44
N ALA A 244 -2.02 -34.14 33.62
CA ALA A 244 -1.85 -35.34 32.80
C ALA A 244 -0.74 -35.20 31.75
N VAL A 245 -0.64 -34.03 31.12
CA VAL A 245 0.45 -33.76 30.16
C VAL A 245 1.83 -33.75 30.83
N VAL A 246 1.92 -33.14 32.02
CA VAL A 246 3.17 -33.16 32.81
C VAL A 246 3.58 -34.60 33.16
N GLU A 247 2.63 -35.39 33.68
CA GLU A 247 2.88 -36.81 34.02
C GLU A 247 3.29 -37.67 32.82
N ALA A 248 2.66 -37.46 31.67
CA ALA A 248 3.02 -38.16 30.43
C ALA A 248 4.43 -37.82 29.91
N THR A 249 4.84 -36.56 30.08
CA THR A 249 6.16 -36.12 29.63
C THR A 249 7.26 -36.75 30.52
N THR A 250 6.99 -36.84 31.82
CA THR A 250 7.90 -37.49 32.78
C THR A 250 7.99 -39.01 32.58
N HIS A 251 6.83 -39.65 32.44
CA HIS A 251 6.73 -41.11 32.37
C HIS A 251 6.45 -41.61 30.94
N PHE A 252 7.19 -41.06 29.97
CA PHE A 252 6.89 -41.25 28.54
C PHE A 252 7.03 -42.67 27.99
N ASP A 253 7.76 -43.52 28.71
CA ASP A 253 7.96 -44.91 28.28
C ASP A 253 7.33 -45.91 29.24
N ASN A 254 6.21 -45.53 29.85
CA ASN A 254 5.46 -46.39 30.78
C ASN A 254 3.99 -46.53 30.34
N PRO A 255 3.66 -47.56 29.53
CA PRO A 255 2.30 -47.71 29.00
C PRO A 255 1.16 -47.77 30.02
N SER A 256 1.37 -48.41 31.16
N SER A 256 1.37 -48.42 31.17
CA SER A 256 0.34 -48.47 32.21
CA SER A 256 0.35 -48.48 32.22
C SER A 256 0.03 -47.11 32.82
C SER A 256 0.04 -47.10 32.81
N LYS A 257 1.07 -46.30 33.06
CA LYS A 257 0.90 -44.94 33.55
C LYS A 257 0.20 -44.04 32.52
N LEU A 258 0.57 -44.18 31.25
CA LEU A 258 -0.04 -43.39 30.18
C LEU A 258 -1.54 -43.70 30.01
N LEU A 259 -1.90 -44.98 30.16
CA LEU A 259 -3.32 -45.36 30.19
C LEU A 259 -4.05 -44.69 31.37
N GLU A 260 -3.44 -44.73 32.55
CA GLU A 260 -4.04 -44.12 33.75
C GLU A 260 -4.37 -42.63 33.55
N VAL A 261 -3.41 -41.84 33.06
CA VAL A 261 -3.61 -40.39 32.97
C VAL A 261 -4.46 -39.96 31.78
N SER A 262 -4.63 -40.87 30.80
CA SER A 262 -5.37 -40.56 29.57
C SER A 262 -6.87 -40.85 29.68
N SER A 263 -7.29 -41.53 30.75
CA SER A 263 -8.68 -41.98 30.92
C SER A 263 -9.58 -40.94 31.57
N ASP A 264 -10.79 -40.76 31.02
CA ASP A 264 -11.82 -39.87 31.58
C ASP A 264 -11.33 -38.42 31.67
N LEU A 265 -10.82 -37.90 30.55
CA LEU A 265 -10.24 -36.56 30.49
C LEU A 265 -11.25 -35.44 30.20
N GLY A 266 -12.44 -35.83 29.73
CA GLY A 266 -13.48 -34.86 29.35
C GLY A 266 -13.27 -34.35 27.93
N GLU A 267 -14.00 -33.28 27.56
CA GLU A 267 -13.94 -32.75 26.19
C GLU A 267 -12.70 -31.88 25.90
N LEU A 268 -12.00 -32.06 24.76
CA LEU A 268 -10.65 -31.48 24.38
C LEU A 268 -10.79 -30.41 23.27
N LEU B 10 13.64 18.88 10.08
CA LEU B 10 12.72 17.90 10.68
C LEU B 10 13.45 16.62 11.11
N LYS B 11 14.77 16.60 10.95
CA LYS B 11 15.61 15.45 11.29
C LYS B 11 15.50 15.08 12.77
N GLY B 12 15.20 13.81 13.02
CA GLY B 12 14.99 13.27 14.37
C GLY B 12 13.58 13.45 14.92
N GLY B 13 12.66 13.89 14.07
CA GLY B 13 11.30 14.22 14.52
C GLY B 13 10.22 13.28 14.03
N VAL B 14 9.00 13.50 14.52
CA VAL B 14 7.81 12.72 14.14
C VAL B 14 6.79 13.63 13.45
N ILE B 15 6.28 13.18 12.31
CA ILE B 15 5.20 13.88 11.59
C ILE B 15 3.90 13.06 11.73
N MET B 16 2.81 13.70 12.16
CA MET B 16 1.54 13.00 12.45
C MET B 16 0.40 13.40 11.51
N ASP B 17 -0.34 12.41 11.01
CA ASP B 17 -1.57 12.63 10.22
C ASP B 17 -2.68 13.16 11.13
N VAL B 18 -3.37 14.23 10.70
CA VAL B 18 -4.48 14.82 11.48
C VAL B 18 -5.65 15.20 10.57
N VAL B 19 -6.88 15.01 11.06
CA VAL B 19 -8.09 15.24 10.27
C VAL B 19 -8.98 16.40 10.77
N THR B 20 -8.62 16.97 11.93
CA THR B 20 -9.32 18.13 12.51
C THR B 20 -8.30 19.09 13.17
N PRO B 21 -8.69 20.37 13.39
CA PRO B 21 -7.87 21.30 14.15
C PRO B 21 -7.54 20.82 15.58
N GLU B 22 -8.49 20.19 16.25
CA GLU B 22 -8.24 19.68 17.62
C GLU B 22 -7.24 18.52 17.67
N GLN B 23 -7.29 17.63 16.66
CA GLN B 23 -6.25 16.61 16.47
C GLN B 23 -4.87 17.24 16.26
N ALA B 24 -4.80 18.32 15.47
CA ALA B 24 -3.53 19.02 15.24
C ALA B 24 -2.95 19.58 16.54
N LYS B 25 -3.82 20.06 17.42
CA LYS B 25 -3.38 20.61 18.71
C LYS B 25 -2.83 19.53 19.65
N ILE B 26 -3.43 18.34 19.61
CA ILE B 26 -2.91 17.19 20.38
C ILE B 26 -1.52 16.79 19.87
N ALA B 27 -1.36 16.74 18.55
CA ALA B 27 -0.06 16.44 17.95
C ALA B 27 1.01 17.43 18.41
N GLU B 28 0.70 18.72 18.38
CA GLU B 28 1.66 19.76 18.76
C GLU B 28 2.07 19.65 20.24
N LYS B 29 1.09 19.43 21.10
CA LYS B 29 1.32 19.31 22.56
C LYS B 29 2.16 18.08 22.92
N SER B 30 2.03 17.02 22.12
N SER B 30 2.04 17.02 22.11
CA SER B 30 2.78 15.78 22.35
CA SER B 30 2.77 15.77 22.34
C SER B 30 4.24 15.87 21.92
C SER B 30 4.23 15.83 21.87
N GLY B 31 4.57 16.90 21.13
CA GLY B 31 5.94 17.12 20.67
C GLY B 31 6.25 16.79 19.21
N ALA B 32 5.20 16.66 18.39
CA ALA B 32 5.39 16.44 16.95
C ALA B 32 6.16 17.60 16.30
N CYS B 33 6.98 17.28 15.29
N CYS B 33 6.98 17.28 15.30
N CYS B 33 6.95 17.26 15.28
CA CYS B 33 7.73 18.31 14.56
CA CYS B 33 7.74 18.30 14.56
CA CYS B 33 7.75 18.22 14.53
C CYS B 33 6.93 18.95 13.44
C CYS B 33 6.94 18.95 13.43
C CYS B 33 6.92 18.94 13.45
N ALA B 34 5.90 18.25 12.96
CA ALA B 34 5.01 18.75 11.87
C ALA B 34 3.73 17.92 11.84
N VAL B 35 2.70 18.43 11.17
CA VAL B 35 1.46 17.66 10.92
C VAL B 35 1.16 17.55 9.42
N MET B 36 0.51 16.45 9.05
CA MET B 36 0.02 16.20 7.69
C MET B 36 -1.51 16.34 7.68
N ALA B 37 -2.03 17.38 7.02
CA ALA B 37 -3.47 17.63 7.00
C ALA B 37 -4.19 16.83 5.92
N LEU B 38 -5.25 16.13 6.28
CA LEU B 38 -6.07 15.34 5.32
C LEU B 38 -7.52 15.17 5.78
N GLU B 39 -8.46 15.24 4.84
CA GLU B 39 -9.89 15.26 5.17
C GLU B 39 -10.47 13.87 5.40
N SER B 40 -9.92 12.89 4.70
CA SER B 40 -10.37 11.51 4.77
C SER B 40 -9.17 10.62 4.98
N ILE B 41 -9.37 9.50 5.68
CA ILE B 41 -8.32 8.50 5.83
C ILE B 41 -8.33 7.63 4.56
N PRO B 42 -7.25 7.73 3.75
CA PRO B 42 -7.20 7.06 2.45
C PRO B 42 -6.95 5.55 2.55
N ALA B 43 -7.30 4.98 3.70
CA ALA B 43 -7.24 3.54 3.92
C ALA B 43 -8.63 2.96 4.18
N ASP B 44 -9.54 3.81 4.66
CA ASP B 44 -10.94 3.42 4.91
C ASP B 44 -11.74 3.35 3.62
N MET B 45 -11.63 4.39 2.79
CA MET B 45 -12.38 4.47 1.54
C MET B 45 -11.64 3.85 0.34
N ARG B 46 -10.34 3.56 0.52
CA ARG B 46 -9.60 2.78 -0.46
C ARG B 46 -10.08 1.33 -0.43
N LYS B 47 -10.64 0.92 0.71
CA LYS B 47 -11.33 -0.35 0.85
C LYS B 47 -12.85 -0.18 0.64
N SER B 48 -13.25 0.99 0.15
CA SER B 48 -14.63 1.25 -0.26
C SER B 48 -14.72 1.40 -1.78
N GLY B 49 -13.56 1.47 -2.43
CA GLY B 49 -13.46 1.59 -3.89
C GLY B 49 -13.40 3.01 -4.41
N LYS B 50 -13.52 3.98 -3.50
CA LYS B 50 -13.63 5.40 -3.85
C LYS B 50 -12.34 5.97 -4.44
N VAL B 51 -12.48 7.07 -5.16
CA VAL B 51 -11.33 7.84 -5.67
C VAL B 51 -10.92 8.81 -4.57
N CYS B 52 -9.64 8.82 -4.23
N CYS B 52 -9.63 8.81 -4.21
CA CYS B 52 -9.09 9.70 -3.20
CA CYS B 52 -9.09 9.71 -3.19
C CYS B 52 -8.25 10.82 -3.84
C CYS B 52 -8.24 10.81 -3.83
N ARG B 53 -8.61 12.07 -3.54
CA ARG B 53 -7.99 13.25 -4.19
C ARG B 53 -7.35 14.20 -3.16
N MET B 54 -6.81 15.33 -3.64
CA MET B 54 -6.44 16.49 -2.80
C MET B 54 -7.59 16.86 -1.85
N SER B 55 -7.26 17.21 -0.60
CA SER B 55 -8.28 17.70 0.36
C SER B 55 -8.76 19.12 0.05
N ASP B 56 -9.93 19.51 0.56
CA ASP B 56 -10.46 20.87 0.35
C ASP B 56 -9.53 21.92 0.98
N PRO B 57 -9.09 22.93 0.20
CA PRO B 57 -8.22 23.99 0.74
C PRO B 57 -8.76 24.67 2.01
N LYS B 58 -10.08 24.71 2.19
CA LYS B 58 -10.69 25.27 3.42
C LYS B 58 -10.31 24.48 4.68
N MET B 59 -10.39 23.15 4.61
CA MET B 59 -10.01 22.32 5.78
C MET B 59 -8.51 22.36 6.08
N ILE B 60 -7.68 22.48 5.03
CA ILE B 60 -6.24 22.60 5.21
C ILE B 60 -5.88 23.93 5.92
N LYS B 61 -6.52 25.02 5.49
CA LYS B 61 -6.29 26.35 6.08
C LYS B 61 -6.71 26.42 7.56
N ASP B 62 -7.84 25.77 7.88
CA ASP B 62 -8.33 25.70 9.27
C ASP B 62 -7.33 25.00 10.20
N ILE B 63 -6.64 23.98 9.68
CA ILE B 63 -5.55 23.31 10.43
C ILE B 63 -4.29 24.20 10.53
N MET B 64 -3.94 24.91 9.46
CA MET B 64 -2.81 25.84 9.45
C MET B 64 -2.98 26.94 10.51
N ASN B 65 -4.24 27.33 10.73
CA ASN B 65 -4.55 28.39 11.70
C ASN B 65 -4.61 27.94 13.17
N SER B 66 -4.46 26.64 13.42
CA SER B 66 -4.65 26.07 14.77
C SER B 66 -3.33 25.75 15.51
N VAL B 67 -2.22 25.71 14.79
CA VAL B 67 -0.91 25.33 15.33
C VAL B 67 0.23 26.21 14.81
N SER B 68 1.36 26.25 15.50
N SER B 68 1.36 26.21 15.51
CA SER B 68 2.51 27.03 15.03
CA SER B 68 2.55 27.00 15.15
C SER B 68 3.56 26.22 14.23
C SER B 68 3.73 26.16 14.61
N ILE B 69 3.48 24.89 14.30
CA ILE B 69 4.45 24.01 13.64
C ILE B 69 4.11 23.88 12.14
N PRO B 70 5.06 23.44 11.28
CA PRO B 70 4.80 23.30 9.84
C PRO B 70 3.65 22.34 9.52
N VAL B 71 2.96 22.60 8.40
CA VAL B 71 1.84 21.78 7.92
C VAL B 71 2.14 21.28 6.50
N MET B 72 1.90 19.98 6.27
CA MET B 72 2.06 19.35 4.95
C MET B 72 0.69 18.94 4.40
N ALA B 73 0.58 18.75 3.09
CA ALA B 73 -0.66 18.25 2.44
C ALA B 73 -0.32 17.32 1.27
N LYS B 74 -1.25 16.42 0.92
CA LYS B 74 -1.02 15.41 -0.15
C LYS B 74 -1.63 15.79 -1.52
N VAL B 75 -0.98 15.38 -2.60
CA VAL B 75 -1.56 15.45 -3.97
C VAL B 75 -1.43 14.09 -4.68
N ARG B 76 -2.27 13.85 -5.71
CA ARG B 76 -2.19 12.62 -6.50
C ARG B 76 -0.91 12.56 -7.37
N ILE B 77 -0.37 11.35 -7.58
CA ILE B 77 0.79 11.17 -8.47
C ILE B 77 0.51 11.76 -9.85
N GLY B 78 1.38 12.67 -10.27
CA GLY B 78 1.28 13.33 -11.60
C GLY B 78 0.30 14.50 -11.72
N HIS B 79 -0.44 14.83 -10.65
CA HIS B 79 -1.45 15.90 -10.73
C HIS B 79 -0.81 17.26 -10.42
N PHE B 80 -0.13 17.82 -11.42
CA PHE B 80 0.60 19.07 -11.24
C PHE B 80 -0.29 20.30 -10.96
N VAL B 81 -1.57 20.23 -11.32
CA VAL B 81 -2.50 21.35 -11.01
C VAL B 81 -2.94 21.34 -9.55
N GLU B 82 -3.23 20.15 -9.00
CA GLU B 82 -3.41 20.01 -7.54
C GLU B 82 -2.22 20.64 -6.79
N ALA B 83 -1.00 20.39 -7.27
CA ALA B 83 0.21 20.95 -6.63
C ALA B 83 0.28 22.48 -6.77
N GLN B 84 -0.11 23.03 -7.93
CA GLN B 84 -0.14 24.50 -8.14
C GLN B 84 -1.08 25.19 -7.13
N ILE B 85 -2.24 24.57 -6.89
CA ILE B 85 -3.26 25.06 -5.95
C ILE B 85 -2.75 25.04 -4.50
N ILE B 86 -2.13 23.92 -4.12
CA ILE B 86 -1.58 23.74 -2.76
C ILE B 86 -0.39 24.69 -2.49
N GLU B 87 0.44 24.89 -3.51
CA GLU B 87 1.53 25.89 -3.42
C GLU B 87 0.98 27.32 -3.19
N ALA B 88 -0.07 27.69 -3.92
CA ALA B 88 -0.71 29.00 -3.78
C ALA B 88 -1.32 29.21 -2.39
N LEU B 89 -1.69 28.12 -1.73
CA LEU B 89 -2.22 28.13 -0.37
C LEU B 89 -1.16 28.38 0.71
N GLU B 90 0.13 28.24 0.34
CA GLU B 90 1.26 28.49 1.24
C GLU B 90 1.45 27.42 2.34
N VAL B 91 1.20 26.16 1.99
CA VAL B 91 1.58 25.03 2.84
C VAL B 91 3.12 24.94 2.92
N ASP B 92 3.64 24.25 3.92
CA ASP B 92 5.10 24.13 4.11
C ASP B 92 5.80 23.04 3.28
N TYR B 93 5.09 21.93 3.02
CA TYR B 93 5.61 20.79 2.22
C TYR B 93 4.45 20.12 1.46
N ILE B 94 4.75 19.52 0.31
CA ILE B 94 3.77 18.71 -0.46
C ILE B 94 4.27 17.26 -0.54
N ASP B 95 3.37 16.31 -0.25
CA ASP B 95 3.63 14.87 -0.41
C ASP B 95 2.92 14.36 -1.67
N GLU B 96 3.70 13.99 -2.69
CA GLU B 96 3.17 13.36 -3.91
C GLU B 96 3.00 11.87 -3.58
N SER B 97 1.76 11.47 -3.29
CA SER B 97 1.50 10.25 -2.50
C SER B 97 0.82 9.10 -3.23
N GLU B 98 1.42 7.92 -3.12
CA GLU B 98 0.87 6.68 -3.67
C GLU B 98 -0.38 6.15 -2.93
N VAL B 99 -0.71 6.75 -1.79
CA VAL B 99 -1.91 6.37 -1.03
C VAL B 99 -3.19 6.95 -1.65
N LEU B 100 -3.06 8.10 -2.29
CA LEU B 100 -4.15 8.68 -3.09
C LEU B 100 -4.21 7.97 -4.44
N THR B 101 -5.31 8.18 -5.18
CA THR B 101 -5.51 7.53 -6.49
C THR B 101 -4.66 8.19 -7.60
N PRO B 102 -3.69 7.47 -8.21
CA PRO B 102 -2.82 8.12 -9.21
C PRO B 102 -3.58 8.84 -10.36
N ALA B 103 -3.09 10.01 -10.76
CA ALA B 103 -3.66 10.75 -11.90
C ALA B 103 -2.94 10.50 -13.23
N ASP B 104 -1.66 10.12 -13.16
CA ASP B 104 -0.84 9.86 -14.36
C ASP B 104 0.01 8.62 -14.05
N TRP B 105 -0.28 7.50 -14.72
CA TRP B 105 0.43 6.24 -14.48
C TRP B 105 1.79 6.13 -15.21
N THR B 106 2.18 7.18 -15.94
CA THR B 106 3.47 7.21 -16.63
C THR B 106 4.44 8.28 -16.10
N HIS B 107 3.94 9.49 -15.85
CA HIS B 107 4.80 10.63 -15.46
C HIS B 107 4.46 11.17 -14.07
N HIS B 108 5.48 11.29 -13.21
CA HIS B 108 5.34 12.03 -11.94
C HIS B 108 5.46 13.55 -12.20
N ILE B 109 5.15 14.35 -11.18
CA ILE B 109 5.19 15.83 -11.28
C ILE B 109 6.64 16.32 -11.51
N GLU B 110 6.79 17.34 -12.35
CA GLU B 110 8.07 18.06 -12.50
C GLU B 110 8.27 18.97 -11.28
N LYS B 111 8.83 18.40 -10.22
CA LYS B 111 8.89 19.06 -8.91
C LYS B 111 9.88 20.26 -8.86
N ASP B 112 10.83 20.29 -9.80
N ASP B 112 10.84 20.29 -9.78
CA ASP B 112 11.80 21.39 -9.90
CA ASP B 112 11.79 21.41 -9.89
C ASP B 112 11.24 22.69 -10.53
C ASP B 112 11.09 22.75 -10.17
N LYS B 113 9.94 22.69 -10.85
CA LYS B 113 9.23 23.91 -11.28
C LYS B 113 8.46 24.63 -10.15
N PHE B 114 8.62 24.13 -8.93
CA PHE B 114 7.94 24.69 -7.76
C PHE B 114 8.94 25.26 -6.76
N LYS B 115 8.48 26.20 -5.93
CA LYS B 115 9.30 26.73 -4.83
C LYS B 115 9.18 25.87 -3.56
N VAL B 116 7.98 25.40 -3.27
CA VAL B 116 7.69 24.55 -2.09
C VAL B 116 8.38 23.18 -2.23
N PRO B 117 8.98 22.65 -1.13
CA PRO B 117 9.64 21.32 -1.22
C PRO B 117 8.66 20.15 -1.26
N PHE B 118 9.07 19.05 -1.92
CA PHE B 118 8.27 17.81 -2.05
C PHE B 118 8.87 16.62 -1.29
N VAL B 119 8.02 15.78 -0.70
CA VAL B 119 8.42 14.43 -0.26
C VAL B 119 7.79 13.36 -1.19
N CYS B 120 8.58 12.33 -1.52
CA CYS B 120 8.09 11.19 -2.33
C CYS B 120 8.48 9.85 -1.69
N GLY B 121 7.70 8.81 -1.97
CA GLY B 121 8.03 7.44 -1.52
C GLY B 121 8.94 6.65 -2.45
N ALA B 122 9.65 5.66 -1.90
CA ALA B 122 10.54 4.78 -2.69
C ALA B 122 10.70 3.41 -2.03
N LYS B 123 10.74 2.35 -2.84
CA LYS B 123 10.99 1.01 -2.28
C LYS B 123 12.34 0.37 -2.63
N ASP B 124 13.11 1.04 -3.51
CA ASP B 124 14.46 0.58 -3.87
C ASP B 124 15.34 1.75 -4.35
N LEU B 125 16.59 1.46 -4.71
CA LEU B 125 17.55 2.53 -5.04
C LEU B 125 17.20 3.28 -6.33
N GLY B 126 16.80 2.52 -7.36
CA GLY B 126 16.40 3.10 -8.65
C GLY B 126 15.24 4.07 -8.54
N GLU B 127 14.20 3.67 -7.80
CA GLU B 127 13.04 4.52 -7.54
C GLU B 127 13.42 5.79 -6.77
N ALA B 128 14.23 5.64 -5.73
CA ALA B 128 14.69 6.78 -4.93
C ALA B 128 15.41 7.83 -5.80
N LEU B 129 16.31 7.36 -6.67
CA LEU B 129 17.09 8.27 -7.52
C LEU B 129 16.24 8.94 -8.61
N ARG B 130 15.27 8.23 -9.16
CA ARG B 130 14.34 8.85 -10.13
C ARG B 130 13.52 9.97 -9.48
N ARG B 131 13.06 9.76 -8.24
CA ARG B 131 12.27 10.77 -7.53
C ARG B 131 13.13 12.02 -7.21
N ILE B 132 14.38 11.80 -6.81
CA ILE B 132 15.32 12.89 -6.55
C ILE B 132 15.66 13.67 -7.85
N ASN B 133 15.89 12.94 -8.92
CA ASN B 133 16.18 13.55 -10.24
C ASN B 133 15.03 14.46 -10.75
N GLU B 134 13.79 14.05 -10.45
CA GLU B 134 12.59 14.84 -10.78
C GLU B 134 12.42 16.08 -9.90
N GLY B 135 13.14 16.13 -8.78
CA GLY B 135 13.15 17.29 -7.88
C GLY B 135 12.73 17.13 -6.41
N ALA B 136 12.52 15.90 -5.96
CA ALA B 136 12.13 15.66 -4.55
C ALA B 136 13.20 16.12 -3.55
N ALA B 137 12.77 16.77 -2.47
CA ALA B 137 13.68 17.24 -1.40
C ALA B 137 13.80 16.28 -0.21
N MET B 138 12.89 15.31 -0.13
N MET B 138 12.87 15.33 -0.12
CA MET B 138 12.86 14.31 0.94
CA MET B 138 12.84 14.30 0.93
C MET B 138 12.34 12.97 0.39
C MET B 138 12.39 12.97 0.32
N ILE B 139 12.89 11.87 0.88
CA ILE B 139 12.40 10.52 0.52
C ILE B 139 11.84 9.83 1.77
N ARG B 140 10.87 8.93 1.58
CA ARG B 140 10.32 8.12 2.67
C ARG B 140 10.04 6.70 2.15
N THR B 141 9.92 5.74 3.06
CA THR B 141 9.53 4.38 2.64
C THR B 141 8.09 4.38 2.16
N LYS B 142 7.75 3.44 1.30
CA LYS B 142 6.37 3.30 0.85
C LYS B 142 5.58 2.56 1.93
N GLY B 143 6.18 1.51 2.47
CA GLY B 143 5.56 0.73 3.56
C GLY B 143 4.33 -0.02 3.11
N GLU B 144 3.37 -0.19 4.01
CA GLU B 144 2.00 -0.49 3.63
C GLU B 144 0.97 0.17 4.54
N ALA B 145 0.38 1.27 4.08
CA ALA B 145 -0.36 2.18 4.94
C ALA B 145 -1.70 1.64 5.45
N GLY B 146 -2.06 1.93 6.72
CA GLY B 146 -3.33 1.49 7.32
C GLY B 146 -3.36 0.11 7.95
N THR B 147 -2.35 -0.73 7.65
CA THR B 147 -2.34 -2.11 8.12
C THR B 147 -1.72 -2.29 9.52
N GLY B 148 -0.81 -1.39 9.88
CA GLY B 148 -0.05 -1.51 11.12
C GLY B 148 1.05 -2.57 11.11
N ASP B 149 1.40 -3.08 9.93
CA ASP B 149 2.47 -4.08 9.79
C ASP B 149 3.77 -3.39 9.35
N VAL B 150 4.75 -3.37 10.25
CA VAL B 150 6.02 -2.64 10.06
C VAL B 150 6.97 -3.29 9.02
N SER B 151 6.70 -4.53 8.63
CA SER B 151 7.63 -5.30 7.78
C SER B 151 7.91 -4.67 6.39
N GLU B 152 6.93 -3.97 5.84
CA GLU B 152 7.11 -3.32 4.54
C GLU B 152 8.20 -2.24 4.62
N ALA B 153 8.05 -1.35 5.58
CA ALA B 153 9.01 -0.25 5.80
C ALA B 153 10.43 -0.78 6.05
N VAL B 154 10.54 -1.82 6.88
CA VAL B 154 11.83 -2.54 7.07
C VAL B 154 12.42 -3.04 5.74
N LYS B 155 11.60 -3.71 4.93
CA LYS B 155 12.04 -4.21 3.62
C LYS B 155 12.67 -3.11 2.74
N HIS B 156 12.03 -1.93 2.70
CA HIS B 156 12.48 -0.83 1.84
C HIS B 156 13.81 -0.19 2.28
N ILE B 157 13.95 0.06 3.58
CA ILE B 157 15.24 0.59 4.10
C ILE B 157 16.38 -0.44 3.94
N ARG B 158 16.11 -1.72 4.24
CA ARG B 158 17.10 -2.78 4.00
C ARG B 158 17.54 -2.88 2.53
N ARG B 159 16.57 -2.76 1.61
CA ARG B 159 16.83 -2.88 0.16
C ARG B 159 17.70 -1.73 -0.39
N ILE B 160 17.37 -0.50 0.00
CA ILE B 160 18.16 0.67 -0.41
C ILE B 160 19.62 0.55 0.10
N THR B 161 19.78 0.19 1.37
CA THR B 161 21.12 0.01 1.96
C THR B 161 21.92 -1.09 1.24
N GLU B 162 21.28 -2.21 0.96
CA GLU B 162 21.94 -3.31 0.26
C GLU B 162 22.39 -2.93 -1.14
N GLU B 163 21.51 -2.26 -1.90
CA GLU B 163 21.83 -1.89 -3.28
C GLU B 163 22.97 -0.85 -3.40
N ILE B 164 23.07 0.05 -2.43
CA ILE B 164 24.19 1.01 -2.39
C ILE B 164 25.52 0.28 -2.18
N LYS B 165 25.53 -0.65 -1.21
CA LYS B 165 26.74 -1.42 -0.92
C LYS B 165 27.18 -2.31 -2.08
N ALA B 166 26.20 -2.90 -2.78
CA ALA B 166 26.47 -3.76 -3.94
C ALA B 166 27.02 -2.99 -5.15
N CYS B 167 26.56 -1.76 -5.36
CA CYS B 167 27.08 -0.90 -6.43
C CYS B 167 28.50 -0.41 -6.11
N GLN B 168 28.78 -0.20 -4.83
CA GLN B 168 30.10 0.22 -4.34
C GLN B 168 31.20 -0.83 -4.57
N GLN B 169 30.80 -2.07 -4.83
CA GLN B 169 31.76 -3.16 -5.08
C GLN B 169 32.19 -3.24 -6.55
N LEU B 170 31.42 -2.62 -7.44
CA LEU B 170 31.77 -2.54 -8.86
C LEU B 170 33.07 -1.72 -9.03
N LYS B 171 34.02 -2.29 -9.77
CA LYS B 171 35.30 -1.60 -10.00
C LYS B 171 35.37 -0.89 -11.35
N SER B 172 34.49 -1.27 -12.28
CA SER B 172 34.47 -0.68 -13.63
C SER B 172 33.51 0.50 -13.75
N GLU B 173 34.03 1.66 -14.17
CA GLU B 173 33.21 2.86 -14.39
C GLU B 173 32.21 2.68 -15.54
N ASP B 174 32.53 1.80 -16.49
CA ASP B 174 31.61 1.44 -17.57
C ASP B 174 30.42 0.62 -17.05
N ASP B 175 30.67 -0.22 -16.05
CA ASP B 175 29.63 -1.01 -15.39
C ASP B 175 28.66 -0.10 -14.63
N ILE B 176 29.23 0.90 -13.94
CA ILE B 176 28.45 1.90 -13.22
C ILE B 176 27.53 2.68 -14.17
N ALA B 177 28.03 3.02 -15.35
CA ALA B 177 27.26 3.75 -16.37
C ALA B 177 26.09 2.91 -16.88
N LYS B 178 26.30 1.60 -16.98
CA LYS B 178 25.26 0.67 -17.41
C LYS B 178 24.10 0.64 -16.39
N VAL B 179 24.46 0.66 -15.10
CA VAL B 179 23.48 0.66 -14.01
C VAL B 179 22.62 1.94 -14.06
N ALA B 180 23.27 3.10 -14.17
CA ALA B 180 22.56 4.37 -14.26
C ALA B 180 21.58 4.42 -15.43
N GLU B 181 22.00 3.88 -16.58
CA GLU B 181 21.16 3.83 -17.78
C GLU B 181 19.89 2.99 -17.57
N GLU B 182 20.02 1.86 -16.90
CA GLU B 182 18.88 1.01 -16.54
C GLU B 182 17.93 1.69 -15.55
N MET B 183 18.50 2.47 -14.64
N MET B 183 18.50 2.47 -14.64
CA MET B 183 17.72 3.24 -13.65
CA MET B 183 17.75 3.25 -13.65
C MET B 183 17.04 4.48 -14.24
C MET B 183 17.07 4.49 -14.24
N ARG B 184 17.48 4.87 -15.45
CA ARG B 184 17.00 6.10 -16.13
C ARG B 184 17.35 7.39 -15.38
N VAL B 185 18.57 7.45 -14.84
CA VAL B 185 19.09 8.64 -14.13
C VAL B 185 20.50 9.00 -14.63
N PRO B 186 20.94 10.26 -14.41
CA PRO B 186 22.30 10.66 -14.81
C PRO B 186 23.37 9.88 -14.06
N VAL B 187 24.44 9.51 -14.75
CA VAL B 187 25.55 8.77 -14.12
C VAL B 187 26.19 9.56 -12.96
N SER B 188 26.19 10.89 -13.06
CA SER B 188 26.74 11.75 -12.01
C SER B 188 25.94 11.71 -10.70
N LEU B 189 24.64 11.42 -10.78
CA LEU B 189 23.84 11.26 -9.55
C LEU B 189 24.16 9.94 -8.83
N LEU B 190 24.25 8.85 -9.59
CA LEU B 190 24.63 7.55 -9.02
C LEU B 190 26.04 7.59 -8.42
N LYS B 191 26.98 8.17 -9.15
CA LYS B 191 28.37 8.28 -8.66
C LYS B 191 28.49 9.06 -7.34
N ASP B 192 27.63 10.06 -7.16
CA ASP B 192 27.59 10.83 -5.91
C ASP B 192 27.18 9.97 -4.71
N VAL B 193 26.16 9.13 -4.92
CA VAL B 193 25.66 8.22 -3.88
C VAL B 193 26.75 7.22 -3.47
N LEU B 194 27.46 6.67 -4.45
CA LEU B 194 28.50 5.66 -4.20
C LEU B 194 29.71 6.24 -3.47
N GLU B 195 29.97 7.53 -3.67
CA GLU B 195 31.06 8.21 -2.99
C GLU B 195 30.72 8.53 -1.53
N LYS B 196 29.47 8.93 -1.28
CA LYS B 196 29.03 9.28 0.06
C LYS B 196 28.52 8.08 0.88
N GLY B 197 28.14 7.01 0.19
CA GLY B 197 27.53 5.85 0.84
C GLY B 197 26.13 6.10 1.40
N LYS B 198 25.43 7.08 0.82
CA LYS B 198 24.07 7.45 1.25
C LYS B 198 23.38 8.33 0.20
N LEU B 199 22.05 8.45 0.30
CA LEU B 199 21.28 9.37 -0.56
C LEU B 199 21.62 10.83 -0.23
N PRO B 200 21.55 11.73 -1.23
CA PRO B 200 21.82 13.17 -1.00
C PRO B 200 20.74 13.92 -0.20
N VAL B 201 19.60 13.27 0.08
CA VAL B 201 18.53 13.86 0.87
C VAL B 201 18.19 12.95 2.07
N VAL B 202 17.47 13.48 3.08
CA VAL B 202 17.02 12.64 4.22
C VAL B 202 16.05 11.54 3.77
N ASN B 203 16.03 10.43 4.51
CA ASN B 203 15.11 9.30 4.24
C ASN B 203 14.34 8.93 5.51
N PHE B 204 13.03 9.20 5.51
CA PHE B 204 12.17 8.95 6.68
C PHE B 204 11.43 7.61 6.59
N ALA B 205 11.09 7.04 7.75
CA ALA B 205 10.26 5.84 7.82
C ALA B 205 8.78 6.20 7.69
N ALA B 206 8.01 5.37 6.96
CA ALA B 206 6.57 5.61 6.75
C ALA B 206 5.82 4.36 6.29
N GLY B 207 4.56 4.24 6.69
CA GLY B 207 3.73 3.09 6.35
C GLY B 207 3.90 1.92 7.32
N GLY B 208 2.92 1.73 8.21
CA GLY B 208 2.92 0.60 9.13
C GLY B 208 3.66 0.76 10.46
N VAL B 209 4.07 1.98 10.79
CA VAL B 209 4.67 2.28 12.10
C VAL B 209 3.55 2.43 13.14
N ALA B 210 3.43 1.45 14.03
CA ALA B 210 2.29 1.36 14.94
C ALA B 210 2.61 1.59 16.42
N THR B 211 3.78 1.17 16.87
CA THR B 211 4.14 1.23 18.29
C THR B 211 5.43 2.05 18.53
N PRO B 212 5.70 2.44 19.80
CA PRO B 212 6.98 3.07 20.11
C PRO B 212 8.18 2.19 19.75
N ALA B 213 8.07 0.87 19.97
CA ALA B 213 9.13 -0.05 19.56
C ALA B 213 9.41 -0.01 18.06
N ASP B 214 8.35 0.09 17.24
CA ASP B 214 8.50 0.21 15.76
C ASP B 214 9.28 1.46 15.35
N ALA B 215 8.97 2.59 15.99
CA ALA B 215 9.64 3.86 15.68
C ALA B 215 11.13 3.76 15.98
N ALA B 216 11.48 3.20 17.14
CA ALA B 216 12.88 3.02 17.52
C ALA B 216 13.61 2.02 16.63
N LEU B 217 12.92 0.96 16.21
CA LEU B 217 13.49 -0.01 15.26
C LEU B 217 13.97 0.65 13.96
N LEU B 218 13.11 1.50 13.38
N LEU B 218 13.10 1.49 13.36
CA LEU B 218 13.43 2.12 12.09
CA LEU B 218 13.42 2.13 12.09
C LEU B 218 14.56 3.17 12.20
C LEU B 218 14.54 3.17 12.20
N MET B 219 14.63 3.85 13.35
CA MET B 219 15.74 4.78 13.62
C MET B 219 17.08 4.02 13.79
N GLN B 220 17.05 2.89 14.50
CA GLN B 220 18.26 2.04 14.62
C GLN B 220 18.72 1.45 13.28
N LEU B 221 17.78 1.29 12.34
CA LEU B 221 18.09 0.85 10.97
C LEU B 221 18.65 1.95 10.05
N GLY B 222 18.63 3.19 10.52
CA GLY B 222 19.28 4.30 9.81
C GLY B 222 18.37 5.37 9.21
N CYS B 223 17.08 5.35 9.53
CA CYS B 223 16.17 6.41 9.06
C CYS B 223 16.42 7.73 9.80
N ASP B 224 16.03 8.83 9.17
CA ASP B 224 16.28 10.17 9.71
C ASP B 224 15.12 10.76 10.53
N GLY B 225 13.97 10.09 10.49
CA GLY B 225 12.75 10.51 11.20
C GLY B 225 11.60 9.55 10.85
N VAL B 226 10.41 9.77 11.42
N VAL B 226 10.40 9.84 11.35
CA VAL B 226 9.27 8.89 11.15
CA VAL B 226 9.25 8.92 11.21
C VAL B 226 7.96 9.66 10.87
C VAL B 226 7.91 9.62 10.92
N PHE B 227 7.16 9.09 9.96
CA PHE B 227 5.76 9.52 9.73
C PHE B 227 4.82 8.50 10.41
N VAL B 228 3.82 8.97 11.15
CA VAL B 228 2.77 8.09 11.71
C VAL B 228 1.36 8.46 11.22
N GLY B 229 0.48 7.46 11.11
CA GLY B 229 -0.84 7.64 10.52
C GLY B 229 -1.99 7.79 11.50
N SER B 230 -3.21 7.62 10.99
CA SER B 230 -4.41 7.86 11.80
C SER B 230 -4.65 6.82 12.91
N GLY B 231 -3.87 5.74 12.90
CA GLY B 231 -3.86 4.76 13.99
C GLY B 231 -3.71 5.37 15.38
N ILE B 232 -2.93 6.44 15.49
CA ILE B 232 -2.73 7.16 16.76
C ILE B 232 -4.07 7.55 17.40
N PHE B 233 -4.96 8.13 16.59
CA PHE B 233 -6.21 8.69 17.10
C PHE B 233 -7.35 7.67 17.24
N LYS B 234 -7.09 6.43 16.83
CA LYS B 234 -8.05 5.34 17.00
C LYS B 234 -7.79 4.50 18.26
N SER B 235 -6.68 4.79 18.95
CA SER B 235 -6.34 4.11 20.21
C SER B 235 -7.17 4.62 21.39
N SER B 236 -7.17 3.87 22.49
CA SER B 236 -7.92 4.25 23.69
C SER B 236 -7.45 5.57 24.32
N ASN B 237 -6.16 5.87 24.21
CA ASN B 237 -5.58 7.10 24.76
C ASN B 237 -4.59 7.75 23.78
N PRO B 238 -5.11 8.55 22.82
CA PRO B 238 -4.27 9.18 21.78
C PRO B 238 -3.13 10.07 22.30
N VAL B 239 -3.38 10.86 23.33
CA VAL B 239 -2.34 11.74 23.91
C VAL B 239 -1.14 10.95 24.43
N ARG B 240 -1.43 9.88 25.18
CA ARG B 240 -0.42 9.01 25.77
C ARG B 240 0.40 8.28 24.70
N LEU B 241 -0.28 7.78 23.67
CA LEU B 241 0.42 7.07 22.59
C LEU B 241 1.29 8.01 21.75
N ALA B 242 0.72 9.16 21.35
CA ALA B 242 1.49 10.17 20.60
C ALA B 242 2.77 10.58 21.34
N THR B 243 2.65 10.87 22.63
CA THR B 243 3.79 11.28 23.46
C THR B 243 4.84 10.15 23.53
N ALA B 244 4.39 8.91 23.66
CA ALA B 244 5.30 7.75 23.71
C ALA B 244 6.07 7.54 22.40
N VAL B 245 5.40 7.71 21.26
CA VAL B 245 6.08 7.62 19.95
C VAL B 245 7.17 8.70 19.79
N VAL B 246 6.87 9.93 20.22
CA VAL B 246 7.84 11.03 20.17
C VAL B 246 9.09 10.73 21.04
N GLU B 247 8.87 10.28 22.27
CA GLU B 247 9.97 9.94 23.18
C GLU B 247 10.85 8.80 22.64
N ALA B 248 10.20 7.79 22.07
CA ALA B 248 10.91 6.65 21.46
C ALA B 248 11.76 7.05 20.25
N THR B 249 11.31 8.01 19.47
CA THR B 249 12.07 8.50 18.31
C THR B 249 13.30 9.32 18.75
N THR B 250 13.12 10.12 19.80
CA THR B 250 14.20 10.91 20.39
C THR B 250 15.26 10.02 21.08
N HIS B 251 14.79 9.10 21.91
CA HIS B 251 15.67 8.23 22.70
C HIS B 251 15.75 6.79 22.14
N PHE B 252 15.97 6.69 20.84
CA PHE B 252 15.85 5.40 20.11
C PHE B 252 16.88 4.32 20.49
N ASP B 253 17.97 4.73 21.16
CA ASP B 253 19.04 3.81 21.53
C ASP B 253 19.15 3.50 23.03
N ASN B 254 18.08 3.78 23.78
CA ASN B 254 18.06 3.62 25.25
C ASN B 254 16.99 2.61 25.71
N PRO B 255 17.37 1.32 25.90
CA PRO B 255 16.40 0.29 26.29
C PRO B 255 15.55 0.60 27.53
N SER B 256 16.13 1.19 28.57
CA SER B 256 15.36 1.47 29.79
C SER B 256 14.24 2.50 29.56
N LYS B 257 14.52 3.51 28.74
CA LYS B 257 13.51 4.52 28.39
C LYS B 257 12.40 3.92 27.50
N LEU B 258 12.80 3.07 26.55
CA LEU B 258 11.85 2.40 25.66
C LEU B 258 10.89 1.48 26.43
N LEU B 259 11.42 0.79 27.46
CA LEU B 259 10.57 0.01 28.37
C LEU B 259 9.58 0.89 29.14
N GLU B 260 10.08 2.00 29.68
CA GLU B 260 9.26 2.95 30.42
C GLU B 260 8.04 3.43 29.62
N VAL B 261 8.27 3.90 28.39
CA VAL B 261 7.18 4.48 27.57
C VAL B 261 6.24 3.43 26.96
N SER B 262 6.70 2.19 26.87
CA SER B 262 5.90 1.08 26.32
C SER B 262 4.96 0.40 27.32
N SER B 263 5.18 0.65 28.61
CA SER B 263 4.40 -0.03 29.67
C SER B 263 3.04 0.64 29.93
N ASP B 264 2.00 -0.18 29.98
CA ASP B 264 0.61 0.26 30.24
C ASP B 264 0.13 1.30 29.21
N LEU B 265 0.23 0.93 27.93
CA LEU B 265 -0.16 1.82 26.84
C LEU B 265 -1.65 1.76 26.52
N GLY B 266 -2.30 0.69 26.97
CA GLY B 266 -3.72 0.47 26.68
C GLY B 266 -3.94 -0.14 25.31
N LEU C 10 -16.89 25.96 -30.21
CA LEU C 10 -16.92 25.48 -28.82
C LEU C 10 -15.54 25.47 -28.14
N LYS C 11 -14.53 25.97 -28.86
CA LYS C 11 -13.17 26.08 -28.34
C LYS C 11 -13.14 26.75 -26.96
N GLY C 12 -12.49 26.09 -26.01
CA GLY C 12 -12.34 26.62 -24.65
C GLY C 12 -13.54 26.50 -23.73
N GLY C 13 -14.54 25.72 -24.14
CA GLY C 13 -15.78 25.63 -23.38
C GLY C 13 -16.03 24.30 -22.67
N VAL C 14 -17.12 24.27 -21.89
CA VAL C 14 -17.56 23.07 -21.17
C VAL C 14 -18.91 22.59 -21.71
N ILE C 15 -19.01 21.29 -22.02
CA ILE C 15 -20.29 20.66 -22.40
C ILE C 15 -20.77 19.78 -21.25
N MET C 16 -22.03 19.97 -20.82
CA MET C 16 -22.59 19.26 -19.64
C MET C 16 -23.71 18.27 -19.99
N ASP C 17 -23.63 17.05 -19.44
CA ASP C 17 -24.69 16.03 -19.58
C ASP C 17 -25.91 16.47 -18.76
N VAL C 18 -27.10 16.43 -19.37
CA VAL C 18 -28.34 16.82 -18.69
C VAL C 18 -29.47 15.82 -19.00
N VAL C 19 -30.30 15.52 -18.00
CA VAL C 19 -31.38 14.52 -18.15
C VAL C 19 -32.81 15.09 -18.09
N THR C 20 -32.92 16.39 -17.78
CA THR C 20 -34.21 17.12 -17.76
C THR C 20 -34.06 18.56 -18.29
N PRO C 21 -35.18 19.21 -18.70
CA PRO C 21 -35.15 20.63 -19.08
C PRO C 21 -34.64 21.58 -17.97
N GLU C 22 -35.00 21.30 -16.72
CA GLU C 22 -34.52 22.12 -15.58
C GLU C 22 -33.01 22.00 -15.37
N GLN C 23 -32.45 20.80 -15.56
CA GLN C 23 -30.98 20.63 -15.53
C GLN C 23 -30.28 21.44 -16.64
N ALA C 24 -30.90 21.47 -17.83
CA ALA C 24 -30.35 22.23 -18.96
C ALA C 24 -30.27 23.73 -18.67
N LYS C 25 -31.30 24.25 -18.00
CA LYS C 25 -31.33 25.66 -17.59
C LYS C 25 -30.23 26.01 -16.58
N ILE C 26 -29.95 25.11 -15.64
CA ILE C 26 -28.83 25.29 -14.70
C ILE C 26 -27.48 25.31 -15.44
N ALA C 27 -27.28 24.38 -16.38
CA ALA C 27 -26.07 24.36 -17.21
C ALA C 27 -25.86 25.68 -17.96
N GLU C 28 -26.92 26.19 -18.60
CA GLU C 28 -26.85 27.45 -19.34
C GLU C 28 -26.50 28.64 -18.44
N LYS C 29 -27.14 28.71 -17.27
CA LYS C 29 -26.87 29.80 -16.30
C LYS C 29 -25.45 29.79 -15.74
N SER C 30 -24.86 28.59 -15.63
N SER C 30 -24.85 28.59 -15.63
CA SER C 30 -23.50 28.42 -15.09
CA SER C 30 -23.49 28.44 -15.09
C SER C 30 -22.40 28.78 -16.10
C SER C 30 -22.41 28.83 -16.09
N GLY C 31 -22.78 28.98 -17.36
CA GLY C 31 -21.82 29.33 -18.43
C GLY C 31 -21.36 28.21 -19.35
N ALA C 32 -22.05 27.07 -19.35
CA ALA C 32 -21.77 25.99 -20.31
C ALA C 32 -21.89 26.46 -21.76
N CYS C 33 -21.02 25.93 -22.64
N CYS C 33 -21.03 25.95 -22.64
CA CYS C 33 -21.03 26.26 -24.06
CA CYS C 33 -21.10 26.32 -24.06
C CYS C 33 -22.07 25.45 -24.85
C CYS C 33 -22.11 25.47 -24.84
N ALA C 34 -22.43 24.28 -24.32
CA ALA C 34 -23.44 23.38 -24.94
C ALA C 34 -23.93 22.36 -23.90
N VAL C 35 -25.04 21.69 -24.19
CA VAL C 35 -25.52 20.57 -23.35
C VAL C 35 -25.64 19.28 -24.17
N MET C 36 -25.48 18.14 -23.49
CA MET C 36 -25.67 16.81 -24.10
C MET C 36 -26.93 16.20 -23.48
N ALA C 37 -27.96 16.00 -24.32
CA ALA C 37 -29.26 15.47 -23.87
C ALA C 37 -29.27 13.94 -23.82
N LEU C 38 -29.61 13.38 -22.67
CA LEU C 38 -29.73 11.91 -22.49
C LEU C 38 -30.80 11.52 -21.48
N GLU C 39 -31.58 10.49 -21.79
CA GLU C 39 -32.74 10.13 -20.96
C GLU C 39 -32.35 9.32 -19.73
N SER C 40 -31.17 8.71 -19.79
CA SER C 40 -30.67 7.88 -18.71
C SER C 40 -29.15 7.86 -18.74
N ILE C 41 -28.54 7.67 -17.57
CA ILE C 41 -27.09 7.56 -17.47
C ILE C 41 -26.68 6.13 -17.78
N PRO C 42 -25.92 5.93 -18.89
CA PRO C 42 -25.53 4.58 -19.32
C PRO C 42 -24.58 3.88 -18.35
N ALA C 43 -23.87 4.66 -17.53
CA ALA C 43 -22.99 4.11 -16.49
C ALA C 43 -23.76 3.37 -15.39
N ASP C 44 -24.94 3.90 -15.05
CA ASP C 44 -25.84 3.27 -14.06
C ASP C 44 -26.50 2.01 -14.60
N MET C 45 -26.63 1.94 -15.93
CA MET C 45 -27.26 0.80 -16.59
C MET C 45 -26.26 -0.29 -16.97
N ARG C 46 -25.03 0.12 -17.28
CA ARG C 46 -24.00 -0.80 -17.74
C ARG C 46 -23.68 -1.81 -16.65
N LYS C 47 -24.21 -1.56 -15.46
CA LYS C 47 -24.01 -2.46 -14.33
C LYS C 47 -25.23 -3.35 -14.13
N SER C 48 -26.19 -3.29 -15.06
CA SER C 48 -27.38 -4.13 -14.91
C SER C 48 -27.54 -5.10 -16.07
N GLY C 49 -26.84 -4.85 -17.18
CA GLY C 49 -26.91 -5.70 -18.37
C GLY C 49 -27.83 -5.17 -19.47
N LYS C 50 -28.48 -4.03 -19.19
CA LYS C 50 -29.46 -3.44 -20.11
C LYS C 50 -28.82 -2.95 -21.42
N VAL C 51 -29.62 -2.95 -22.48
CA VAL C 51 -29.23 -2.38 -23.77
C VAL C 51 -29.49 -0.86 -23.72
N CYS C 52 -28.46 -0.07 -24.02
N CYS C 52 -28.46 -0.08 -24.04
CA CYS C 52 -28.55 1.39 -24.01
CA CYS C 52 -28.53 1.38 -24.03
C CYS C 52 -28.55 1.94 -25.44
C CYS C 52 -28.55 1.93 -25.46
N ARG C 53 -29.63 2.63 -25.81
CA ARG C 53 -29.87 3.09 -27.21
C ARG C 53 -29.96 4.63 -27.31
N MET C 54 -30.17 5.15 -28.53
CA MET C 54 -30.59 6.56 -28.75
C MET C 54 -31.75 6.91 -27.81
N SER C 55 -31.78 8.15 -27.28
CA SER C 55 -32.90 8.60 -26.42
C SER C 55 -34.15 8.92 -27.24
N ASP C 56 -35.32 8.93 -26.59
CA ASP C 56 -36.59 9.28 -27.27
C ASP C 56 -36.51 10.72 -27.80
N PRO C 57 -36.74 10.92 -29.12
CA PRO C 57 -36.71 12.27 -29.70
C PRO C 57 -37.60 13.30 -28.97
N LYS C 58 -38.69 12.88 -28.34
CA LYS C 58 -39.50 13.81 -27.55
C LYS C 58 -38.74 14.42 -26.37
N MET C 59 -37.96 13.59 -25.65
CA MET C 59 -37.21 14.15 -24.51
C MET C 59 -36.09 15.08 -24.98
N ILE C 60 -35.47 14.75 -26.11
CA ILE C 60 -34.43 15.61 -26.71
C ILE C 60 -35.03 16.97 -27.12
N LYS C 61 -36.20 16.96 -27.75
CA LYS C 61 -36.87 18.19 -28.19
C LYS C 61 -37.30 19.09 -27.01
N ASP C 62 -37.76 18.48 -25.93
CA ASP C 62 -38.16 19.25 -24.74
C ASP C 62 -36.95 19.98 -24.12
N ILE C 63 -35.75 19.39 -24.26
CA ILE C 63 -34.51 20.06 -23.85
C ILE C 63 -34.12 21.19 -24.81
N MET C 64 -34.18 20.93 -26.12
CA MET C 64 -33.94 21.94 -27.17
C MET C 64 -34.82 23.18 -26.99
N ASN C 65 -36.06 22.96 -26.55
CA ASN C 65 -37.03 24.05 -26.32
C ASN C 65 -36.72 24.94 -25.10
N SER C 66 -35.84 24.46 -24.20
CA SER C 66 -35.63 25.09 -22.90
C SER C 66 -34.39 25.99 -22.78
N VAL C 67 -33.49 25.92 -23.75
CA VAL C 67 -32.23 26.69 -23.75
C VAL C 67 -31.91 27.27 -25.13
N SER C 68 -31.07 28.31 -25.16
N SER C 68 -31.05 28.31 -25.16
CA SER C 68 -30.63 28.92 -26.42
CA SER C 68 -30.62 28.92 -26.41
C SER C 68 -29.23 28.49 -26.89
C SER C 68 -29.25 28.45 -26.90
N ILE C 69 -28.49 27.79 -26.01
CA ILE C 69 -27.18 27.23 -26.37
C ILE C 69 -27.34 25.92 -27.19
N PRO C 70 -26.30 25.51 -27.95
CA PRO C 70 -26.39 24.29 -28.77
C PRO C 70 -26.64 23.01 -27.99
N VAL C 71 -27.30 22.04 -28.62
CA VAL C 71 -27.69 20.77 -27.96
C VAL C 71 -27.09 19.58 -28.75
N MET C 72 -26.49 18.63 -28.02
N MET C 72 -26.48 18.63 -28.02
CA MET C 72 -25.92 17.41 -28.60
CA MET C 72 -25.94 17.40 -28.62
C MET C 72 -26.73 16.18 -28.16
C MET C 72 -26.75 16.19 -28.17
N ALA C 73 -26.68 15.10 -28.95
CA ALA C 73 -27.29 13.80 -28.55
C ALA C 73 -26.44 12.61 -29.02
N LYS C 74 -26.61 11.46 -28.37
N LYS C 74 -26.61 11.46 -28.37
CA LYS C 74 -25.79 10.27 -28.63
CA LYS C 74 -25.79 10.27 -28.65
C LYS C 74 -26.49 9.22 -29.52
C LYS C 74 -26.49 9.24 -29.53
N VAL C 75 -25.69 8.50 -30.31
CA VAL C 75 -26.20 7.31 -31.07
C VAL C 75 -25.25 6.12 -30.85
N ARG C 76 -25.74 4.88 -31.05
CA ARG C 76 -24.89 3.67 -30.94
C ARG C 76 -23.86 3.59 -32.07
N ILE C 77 -22.68 3.02 -31.78
CA ILE C 77 -21.63 2.84 -32.81
C ILE C 77 -22.19 2.05 -34.00
N GLY C 78 -22.04 2.61 -35.20
CA GLY C 78 -22.53 1.98 -36.43
C GLY C 78 -24.01 2.15 -36.77
N HIS C 79 -24.79 2.79 -35.90
CA HIS C 79 -26.25 2.89 -36.13
C HIS C 79 -26.61 4.13 -36.95
N PHE C 80 -26.43 4.03 -38.27
CA PHE C 80 -26.61 5.19 -39.16
C PHE C 80 -28.06 5.68 -39.28
N VAL C 81 -29.03 4.81 -38.99
CA VAL C 81 -30.45 5.22 -38.98
C VAL C 81 -30.81 6.03 -37.72
N GLU C 82 -30.29 5.63 -36.55
CA GLU C 82 -30.41 6.50 -35.37
C GLU C 82 -29.89 7.91 -35.71
N ALA C 83 -28.75 7.98 -36.41
CA ALA C 83 -28.16 9.28 -36.80
C ALA C 83 -29.03 10.06 -37.82
N GLN C 84 -29.65 9.36 -38.76
CA GLN C 84 -30.59 10.00 -39.73
C GLN C 84 -31.80 10.65 -39.03
N ILE C 85 -32.29 10.00 -37.97
CA ILE C 85 -33.43 10.48 -37.18
C ILE C 85 -33.07 11.76 -36.41
N ILE C 86 -31.90 11.73 -35.76
CA ILE C 86 -31.39 12.85 -34.96
C ILE C 86 -31.07 14.08 -35.84
N GLU C 87 -30.51 13.83 -37.02
CA GLU C 87 -30.26 14.89 -38.01
C GLU C 87 -31.56 15.57 -38.46
N ALA C 88 -32.59 14.77 -38.74
CA ALA C 88 -33.91 15.30 -39.11
C ALA C 88 -34.56 16.14 -38.01
N LEU C 89 -34.21 15.84 -36.75
CA LEU C 89 -34.67 16.59 -35.58
C LEU C 89 -33.97 17.95 -35.45
N GLU C 90 -32.87 18.12 -36.17
CA GLU C 90 -32.05 19.35 -36.18
C GLU C 90 -31.34 19.62 -34.84
N VAL C 91 -30.81 18.56 -34.25
CA VAL C 91 -29.81 18.73 -33.16
C VAL C 91 -28.55 19.35 -33.76
N ASP C 92 -27.72 19.96 -32.91
CA ASP C 92 -26.54 20.69 -33.37
C ASP C 92 -25.29 19.82 -33.61
N TYR C 93 -25.14 18.73 -32.84
CA TYR C 93 -23.98 17.81 -32.95
C TYR C 93 -24.42 16.38 -32.60
N ILE C 94 -23.79 15.38 -33.21
CA ILE C 94 -24.03 13.95 -32.85
C ILE C 94 -22.78 13.30 -32.24
N ASP C 95 -22.93 12.62 -31.08
CA ASP C 95 -21.85 11.83 -30.48
C ASP C 95 -22.05 10.35 -30.79
N GLU C 96 -21.20 9.77 -31.65
CA GLU C 96 -21.17 8.33 -31.90
C GLU C 96 -20.40 7.68 -30.75
N SER C 97 -21.14 7.11 -29.79
CA SER C 97 -20.62 6.88 -28.43
C SER C 97 -20.41 5.43 -28.01
N GLU C 98 -19.20 5.13 -27.53
CA GLU C 98 -18.85 3.83 -26.96
C GLU C 98 -19.54 3.49 -25.62
N VAL C 99 -20.18 4.48 -25.01
N VAL C 99 -20.18 4.47 -24.98
CA VAL C 99 -20.91 4.31 -23.74
CA VAL C 99 -20.91 4.21 -23.71
C VAL C 99 -22.24 3.59 -23.98
C VAL C 99 -22.34 3.70 -23.92
N LEU C 100 -22.84 3.81 -25.15
CA LEU C 100 -24.06 3.08 -25.55
C LEU C 100 -23.68 1.68 -26.07
N THR C 101 -24.66 0.82 -26.25
CA THR C 101 -24.40 -0.58 -26.68
C THR C 101 -24.14 -0.62 -28.20
N PRO C 102 -22.92 -1.02 -28.64
CA PRO C 102 -22.61 -0.98 -30.09
C PRO C 102 -23.62 -1.72 -30.98
N ALA C 103 -24.00 -1.11 -32.10
CA ALA C 103 -24.88 -1.74 -33.10
C ALA C 103 -24.13 -2.52 -34.18
N ASP C 104 -22.89 -2.12 -34.47
CA ASP C 104 -22.06 -2.77 -35.50
C ASP C 104 -20.63 -2.87 -34.95
N TRP C 105 -20.17 -4.09 -34.72
CA TRP C 105 -18.84 -4.32 -34.15
C TRP C 105 -17.67 -4.28 -35.15
N THR C 106 -17.98 -4.10 -36.43
N THR C 106 -17.96 -4.06 -36.43
CA THR C 106 -16.95 -3.98 -37.46
CA THR C 106 -16.91 -3.99 -37.47
C THR C 106 -16.83 -2.55 -38.00
C THR C 106 -16.85 -2.69 -38.28
N HIS C 107 -17.97 -1.98 -38.40
CA HIS C 107 -18.01 -0.68 -39.12
C HIS C 107 -18.65 0.47 -38.33
N HIS C 108 -17.95 1.60 -38.22
CA HIS C 108 -18.53 2.84 -37.70
C HIS C 108 -19.37 3.54 -38.79
N ILE C 109 -20.14 4.55 -38.39
CA ILE C 109 -20.97 5.36 -39.32
C ILE C 109 -20.12 6.09 -40.39
N GLU C 110 -20.60 6.13 -41.63
CA GLU C 110 -20.01 6.96 -42.69
C GLU C 110 -20.40 8.42 -42.48
N LYS C 111 -19.64 9.12 -41.64
CA LYS C 111 -20.02 10.43 -41.13
C LYS C 111 -19.95 11.56 -42.17
N ASP C 112 -19.10 11.37 -43.18
CA ASP C 112 -18.94 12.36 -44.25
C ASP C 112 -20.13 12.42 -45.22
N LYS C 113 -21.19 11.67 -44.90
CA LYS C 113 -22.41 11.65 -45.72
C LYS C 113 -23.59 12.35 -45.03
N PHE C 114 -23.30 12.97 -43.89
CA PHE C 114 -24.26 13.75 -43.13
C PHE C 114 -23.88 15.22 -43.20
N LYS C 115 -24.82 16.11 -42.91
CA LYS C 115 -24.54 17.54 -42.85
C LYS C 115 -24.12 17.97 -41.45
N VAL C 116 -24.79 17.41 -40.44
CA VAL C 116 -24.51 17.69 -39.03
C VAL C 116 -23.12 17.15 -38.60
N PRO C 117 -22.35 17.93 -37.82
CA PRO C 117 -21.02 17.46 -37.38
C PRO C 117 -21.08 16.34 -36.32
N PHE C 118 -20.11 15.42 -36.35
CA PHE C 118 -19.99 14.32 -35.36
C PHE C 118 -18.78 14.49 -34.43
N VAL C 119 -18.92 14.05 -33.17
CA VAL C 119 -17.76 13.84 -32.28
C VAL C 119 -17.56 12.33 -32.02
N CYS C 120 -16.30 11.87 -32.01
CA CYS C 120 -15.95 10.46 -31.76
C CYS C 120 -14.85 10.34 -30.70
N GLY C 121 -14.82 9.23 -29.97
CA GLY C 121 -13.76 8.96 -28.98
C GLY C 121 -12.52 8.29 -29.59
N ALA C 122 -11.37 8.48 -28.94
CA ALA C 122 -10.10 7.84 -29.36
C ALA C 122 -9.12 7.67 -28.20
N LYS C 123 -8.43 6.52 -28.17
CA LYS C 123 -7.45 6.18 -27.13
C LYS C 123 -5.98 6.26 -27.60
N ASP C 124 -5.76 6.32 -28.92
CA ASP C 124 -4.42 6.43 -29.52
C ASP C 124 -4.47 7.12 -30.90
N LEU C 125 -3.31 7.30 -31.53
CA LEU C 125 -3.23 8.04 -32.80
C LEU C 125 -3.96 7.33 -33.94
N GLY C 126 -3.74 6.02 -34.07
CA GLY C 126 -4.42 5.20 -35.10
C GLY C 126 -5.93 5.31 -35.05
N GLU C 127 -6.50 5.17 -33.87
N GLU C 127 -6.51 5.15 -33.86
CA GLU C 127 -7.94 5.28 -33.64
CA GLU C 127 -7.95 5.29 -33.66
C GLU C 127 -8.48 6.68 -34.00
C GLU C 127 -8.47 6.69 -34.03
N ALA C 128 -7.74 7.72 -33.61
CA ALA C 128 -8.12 9.10 -33.93
C ALA C 128 -8.16 9.35 -35.44
N LEU C 129 -7.14 8.86 -36.14
CA LEU C 129 -7.07 9.04 -37.58
C LEU C 129 -8.14 8.27 -38.36
N ARG C 130 -8.49 7.07 -37.89
CA ARG C 130 -9.60 6.31 -38.51
C ARG C 130 -10.95 7.04 -38.38
N ARG C 131 -11.22 7.59 -37.19
CA ARG C 131 -12.46 8.37 -36.98
C ARG C 131 -12.51 9.64 -37.85
N ILE C 132 -11.37 10.34 -37.97
CA ILE C 132 -11.26 11.53 -38.82
C ILE C 132 -11.45 11.19 -40.31
N ASN C 133 -10.83 10.09 -40.75
CA ASN C 133 -10.96 9.59 -42.14
C ASN C 133 -12.41 9.25 -42.52
N GLU C 134 -13.16 8.72 -41.55
CA GLU C 134 -14.59 8.40 -41.70
C GLU C 134 -15.47 9.66 -41.73
N GLY C 135 -14.94 10.78 -41.25
CA GLY C 135 -15.63 12.07 -41.32
C GLY C 135 -15.91 12.83 -40.02
N ALA C 136 -15.37 12.38 -38.89
CA ALA C 136 -15.55 13.09 -37.60
C ALA C 136 -15.03 14.53 -37.65
N ALA C 137 -15.79 15.45 -37.07
CA ALA C 137 -15.44 16.87 -36.97
C ALA C 137 -14.74 17.25 -35.65
N MET C 138 -14.89 16.39 -34.65
N MET C 138 -14.88 16.39 -34.64
CA MET C 138 -14.29 16.57 -33.32
CA MET C 138 -14.26 16.59 -33.32
C MET C 138 -13.81 15.21 -32.80
C MET C 138 -13.85 15.24 -32.73
N ILE C 139 -12.71 15.22 -32.05
CA ILE C 139 -12.24 14.04 -31.31
C ILE C 139 -12.29 14.35 -29.80
N ARG C 140 -12.50 13.30 -28.99
CA ARG C 140 -12.42 13.40 -27.52
C ARG C 140 -11.74 12.16 -26.95
N THR C 141 -11.20 12.27 -25.73
CA THR C 141 -10.69 11.08 -25.04
C THR C 141 -11.83 10.11 -24.70
N LYS C 142 -11.51 8.83 -24.55
CA LYS C 142 -12.51 7.87 -24.10
C LYS C 142 -12.62 7.94 -22.57
N GLY C 143 -11.48 8.03 -21.90
CA GLY C 143 -11.43 8.06 -20.43
C GLY C 143 -12.10 6.84 -19.84
N GLU C 144 -12.70 7.01 -18.67
CA GLU C 144 -13.53 5.97 -18.07
C GLU C 144 -14.78 6.59 -17.42
N ALA C 145 -15.88 6.55 -18.16
CA ALA C 145 -17.11 7.27 -17.80
C ALA C 145 -17.77 6.74 -16.52
N GLY C 146 -18.15 7.66 -15.64
CA GLY C 146 -18.88 7.32 -14.40
C GLY C 146 -18.03 7.00 -13.18
N THR C 147 -16.72 6.90 -13.37
CA THR C 147 -15.82 6.49 -12.28
C THR C 147 -15.31 7.67 -11.44
N GLY C 148 -15.25 8.85 -12.05
CA GLY C 148 -14.63 10.02 -11.40
C GLY C 148 -13.10 9.98 -11.34
N ASP C 149 -12.49 9.02 -12.03
CA ASP C 149 -11.02 8.87 -12.05
C ASP C 149 -10.44 9.48 -13.32
N VAL C 150 -9.70 10.59 -13.17
CA VAL C 150 -9.14 11.36 -14.31
C VAL C 150 -8.02 10.63 -15.09
N SER C 151 -7.44 9.57 -14.51
CA SER C 151 -6.23 8.94 -15.06
C SER C 151 -6.37 8.33 -16.48
N GLU C 152 -7.56 7.85 -16.84
CA GLU C 152 -7.74 7.31 -18.19
C GLU C 152 -7.72 8.41 -19.27
N ALA C 153 -8.37 9.54 -18.99
CA ALA C 153 -8.32 10.69 -19.91
C ALA C 153 -6.89 11.20 -20.10
N VAL C 154 -6.13 11.27 -18.99
CA VAL C 154 -4.71 11.66 -19.03
C VAL C 154 -3.89 10.69 -19.92
N LYS C 155 -4.08 9.39 -19.73
N LYS C 155 -4.09 9.39 -19.73
CA LYS C 155 -3.42 8.35 -20.52
CA LYS C 155 -3.43 8.35 -20.52
C LYS C 155 -3.62 8.56 -22.03
C LYS C 155 -3.64 8.51 -22.03
N HIS C 156 -4.87 8.86 -22.42
CA HIS C 156 -5.21 9.00 -23.85
C HIS C 156 -4.58 10.22 -24.51
N ILE C 157 -4.66 11.39 -23.87
CA ILE C 157 -4.00 12.58 -24.41
C ILE C 157 -2.46 12.42 -24.47
N ARG C 158 -1.86 11.82 -23.44
CA ARG C 158 -0.42 11.56 -23.41
C ARG C 158 0.01 10.63 -24.56
N ARG C 159 -0.76 9.57 -24.78
CA ARG C 159 -0.45 8.58 -25.84
C ARG C 159 -0.50 9.16 -27.26
N ILE C 160 -1.54 9.95 -27.57
CA ILE C 160 -1.64 10.60 -28.89
C ILE C 160 -0.46 11.54 -29.13
N THR C 161 -0.18 12.39 -28.14
CA THR C 161 0.96 13.32 -28.21
C THR C 161 2.29 12.57 -28.44
N GLU C 162 2.48 11.47 -27.72
CA GLU C 162 3.71 10.69 -27.81
C GLU C 162 3.86 10.00 -29.17
N GLU C 163 2.79 9.41 -29.66
CA GLU C 163 2.84 8.66 -30.92
C GLU C 163 3.09 9.58 -32.11
N ILE C 164 2.66 10.84 -32.01
CA ILE C 164 2.94 11.85 -33.04
C ILE C 164 4.44 12.17 -33.08
N LYS C 165 5.03 12.36 -31.90
CA LYS C 165 6.46 12.66 -31.78
C LYS C 165 7.34 11.51 -32.25
N ALA C 166 6.95 10.28 -31.92
CA ALA C 166 7.68 9.09 -32.35
C ALA C 166 7.66 8.89 -33.87
N CYS C 167 6.51 9.18 -34.50
CA CYS C 167 6.39 9.10 -35.96
C CYS C 167 7.16 10.23 -36.67
N GLN C 168 7.36 11.34 -35.96
CA GLN C 168 8.13 12.47 -36.48
C GLN C 168 9.63 12.19 -36.56
N GLN C 169 10.08 11.15 -35.83
CA GLN C 169 11.49 10.77 -35.84
C GLN C 169 11.84 9.86 -37.02
N LEU C 170 10.81 9.30 -37.65
CA LEU C 170 10.99 8.41 -38.80
C LEU C 170 11.58 9.16 -39.99
N LYS C 171 12.73 8.67 -40.45
CA LYS C 171 13.46 9.35 -41.54
C LYS C 171 13.05 8.84 -42.92
N SER C 172 12.56 7.61 -42.98
CA SER C 172 12.15 6.97 -44.24
C SER C 172 10.66 7.18 -44.55
N GLU C 173 10.38 7.69 -45.74
CA GLU C 173 9.01 7.85 -46.24
C GLU C 173 8.31 6.51 -46.48
N ASP C 174 9.09 5.47 -46.76
CA ASP C 174 8.56 4.12 -46.90
C ASP C 174 8.05 3.59 -45.56
N ASP C 175 8.79 3.88 -44.49
CA ASP C 175 8.39 3.49 -43.12
C ASP C 175 7.11 4.22 -42.69
N ILE C 176 6.97 5.48 -43.10
CA ILE C 176 5.75 6.25 -42.85
C ILE C 176 4.54 5.61 -43.54
N ALA C 177 4.73 5.19 -44.79
CA ALA C 177 3.66 4.55 -45.56
C ALA C 177 3.25 3.21 -44.93
N LYS C 178 4.24 2.50 -44.40
CA LYS C 178 4.04 1.26 -43.64
C LYS C 178 3.14 1.49 -42.42
N VAL C 179 3.42 2.57 -41.68
CA VAL C 179 2.65 2.93 -40.49
C VAL C 179 1.18 3.21 -40.85
N ALA C 180 0.98 4.03 -41.88
CA ALA C 180 -0.36 4.38 -42.36
C ALA C 180 -1.17 3.15 -42.79
N GLU C 181 -0.49 2.20 -43.46
CA GLU C 181 -1.13 0.94 -43.87
C GLU C 181 -1.62 0.14 -42.66
N GLU C 182 -0.81 0.06 -41.62
CA GLU C 182 -1.20 -0.62 -40.39
C GLU C 182 -2.41 0.07 -39.75
N MET C 183 -2.40 1.40 -39.77
CA MET C 183 -3.49 2.20 -39.19
C MET C 183 -4.78 2.13 -40.03
N ARG C 184 -4.66 1.69 -41.28
CA ARG C 184 -5.76 1.66 -42.26
C ARG C 184 -6.29 3.06 -42.61
N VAL C 185 -5.36 4.01 -42.80
CA VAL C 185 -5.68 5.37 -43.23
C VAL C 185 -4.80 5.79 -44.44
N PRO C 186 -5.24 6.79 -45.23
CA PRO C 186 -4.38 7.30 -46.33
C PRO C 186 -3.08 7.93 -45.81
N VAL C 187 -1.98 7.72 -46.53
CA VAL C 187 -0.68 8.27 -46.12
C VAL C 187 -0.67 9.81 -46.05
N SER C 188 -1.48 10.45 -46.90
CA SER C 188 -1.59 11.92 -46.93
C SER C 188 -2.14 12.49 -45.62
N LEU C 189 -3.04 11.75 -44.98
CA LEU C 189 -3.60 12.16 -43.69
C LEU C 189 -2.53 12.11 -42.60
N LEU C 190 -1.78 11.00 -42.53
CA LEU C 190 -0.70 10.87 -41.56
C LEU C 190 0.39 11.93 -41.76
N LYS C 191 0.76 12.17 -43.02
CA LYS C 191 1.80 13.15 -43.34
C LYS C 191 1.44 14.58 -42.91
N ASP C 192 0.18 14.97 -43.11
CA ASP C 192 -0.30 16.28 -42.65
C ASP C 192 -0.15 16.45 -41.13
N VAL C 193 -0.45 15.39 -40.38
CA VAL C 193 -0.31 15.39 -38.91
C VAL C 193 1.15 15.58 -38.49
N LEU C 194 2.06 14.87 -39.16
CA LEU C 194 3.49 14.93 -38.81
C LEU C 194 4.12 16.29 -39.11
N GLU C 195 3.65 16.96 -40.17
CA GLU C 195 4.15 18.28 -40.53
C GLU C 195 3.62 19.39 -39.62
N LYS C 196 2.37 19.24 -39.16
CA LYS C 196 1.72 20.22 -38.30
C LYS C 196 1.97 19.98 -36.80
N GLY C 197 2.29 18.73 -36.45
CA GLY C 197 2.49 18.33 -35.06
C GLY C 197 1.23 18.21 -34.22
N LYS C 198 0.08 18.10 -34.89
CA LYS C 198 -1.23 18.01 -34.24
C LYS C 198 -2.30 17.42 -35.17
N LEU C 199 -3.41 16.98 -34.59
CA LEU C 199 -4.58 16.51 -35.36
C LEU C 199 -5.22 17.67 -36.12
N PRO C 200 -5.85 17.38 -37.28
CA PRO C 200 -6.48 18.44 -38.08
C PRO C 200 -7.83 18.95 -37.54
N VAL C 201 -8.29 18.40 -36.42
CA VAL C 201 -9.52 18.85 -35.75
C VAL C 201 -9.27 19.01 -34.25
N VAL C 202 -10.17 19.70 -33.54
CA VAL C 202 -10.05 19.89 -32.09
C VAL C 202 -10.14 18.56 -31.31
N ASN C 203 -9.47 18.51 -30.15
CA ASN C 203 -9.47 17.32 -29.30
C ASN C 203 -9.85 17.69 -27.86
N PHE C 204 -11.03 17.24 -27.41
CA PHE C 204 -11.59 17.57 -26.09
C PHE C 204 -11.33 16.49 -25.03
N ALA C 205 -11.27 16.88 -23.77
CA ALA C 205 -11.17 15.93 -22.67
C ALA C 205 -12.56 15.37 -22.30
N ALA C 206 -12.62 14.09 -21.95
CA ALA C 206 -13.90 13.42 -21.61
C ALA C 206 -13.72 12.12 -20.84
N GLY C 207 -14.63 11.86 -19.90
CA GLY C 207 -14.62 10.62 -19.11
C GLY C 207 -13.70 10.72 -17.90
N GLY C 208 -14.27 10.95 -16.72
CA GLY C 208 -13.52 10.98 -15.47
C GLY C 208 -13.13 12.36 -14.95
N VAL C 209 -13.59 13.43 -15.61
CA VAL C 209 -13.37 14.80 -15.14
C VAL C 209 -14.33 15.12 -13.98
N ALA C 210 -13.81 15.23 -12.76
CA ALA C 210 -14.63 15.36 -11.55
C ALA C 210 -14.57 16.72 -10.84
N THR C 211 -13.38 17.33 -10.82
CA THR C 211 -13.13 18.57 -10.06
C THR C 211 -12.64 19.71 -10.98
N PRO C 212 -12.70 20.97 -10.49
CA PRO C 212 -12.10 22.07 -11.27
C PRO C 212 -10.61 21.85 -11.57
N ALA C 213 -9.86 21.30 -10.60
CA ALA C 213 -8.44 20.99 -10.84
C ALA C 213 -8.24 19.99 -11.99
N ASP C 214 -9.14 19.01 -12.11
CA ASP C 214 -9.10 18.03 -13.22
C ASP C 214 -9.29 18.72 -14.58
N ALA C 215 -10.24 19.64 -14.66
CA ALA C 215 -10.50 20.37 -15.92
C ALA C 215 -9.28 21.19 -16.35
N ALA C 216 -8.67 21.89 -15.40
CA ALA C 216 -7.49 22.72 -15.71
C ALA C 216 -6.26 21.87 -16.06
N LEU C 217 -6.13 20.71 -15.42
CA LEU C 217 -5.08 19.74 -15.75
C LEU C 217 -5.11 19.33 -17.23
N LEU C 218 -6.30 18.96 -17.72
N LEU C 218 -6.30 18.96 -17.71
CA LEU C 218 -6.42 18.50 -19.10
CA LEU C 218 -6.46 18.50 -19.10
C LEU C 218 -6.22 19.62 -20.13
C LEU C 218 -6.22 19.62 -20.12
N MET C 219 -6.62 20.85 -19.78
CA MET C 219 -6.33 22.02 -20.63
C MET C 219 -4.82 22.32 -20.70
N GLN C 220 -4.12 22.18 -19.56
CA GLN C 220 -2.65 22.35 -19.54
C GLN C 220 -1.92 21.26 -20.37
N LEU C 221 -2.52 20.09 -20.48
CA LEU C 221 -1.97 18.99 -21.30
C LEU C 221 -2.24 19.15 -22.81
N GLY C 222 -3.02 20.18 -23.17
CA GLY C 222 -3.25 20.54 -24.56
C GLY C 222 -4.63 20.25 -25.15
N CYS C 223 -5.60 19.91 -24.31
CA CYS C 223 -6.98 19.73 -24.78
C CYS C 223 -7.60 21.07 -25.18
N ASP C 224 -8.62 21.01 -26.04
CA ASP C 224 -9.26 22.22 -26.58
C ASP C 224 -10.56 22.59 -25.85
N GLY C 225 -11.01 21.73 -24.94
CA GLY C 225 -12.23 21.93 -24.14
C GLY C 225 -12.53 20.69 -23.31
N VAL C 226 -13.67 20.70 -22.60
CA VAL C 226 -13.99 19.65 -21.60
C VAL C 226 -15.46 19.18 -21.67
N PHE C 227 -15.69 17.86 -21.67
CA PHE C 227 -17.01 17.25 -21.41
C PHE C 227 -17.11 16.81 -19.95
N VAL C 228 -18.20 17.13 -19.27
CA VAL C 228 -18.45 16.63 -17.90
C VAL C 228 -19.79 15.88 -17.79
N GLY C 229 -19.85 14.89 -16.90
CA GLY C 229 -21.02 13.99 -16.77
C GLY C 229 -22.00 14.30 -15.66
N SER C 230 -22.88 13.33 -15.38
CA SER C 230 -23.98 13.51 -14.42
C SER C 230 -23.54 13.69 -12.96
N GLY C 231 -22.25 13.49 -12.67
CA GLY C 231 -21.69 13.75 -11.35
C GLY C 231 -21.95 15.17 -10.83
N ILE C 232 -21.98 16.15 -11.73
CA ILE C 232 -22.29 17.54 -11.41
C ILE C 232 -23.59 17.63 -10.62
N PHE C 233 -24.62 16.90 -11.06
CA PHE C 233 -25.95 17.00 -10.48
C PHE C 233 -26.18 16.07 -9.28
N LYS C 234 -25.14 15.31 -8.91
CA LYS C 234 -25.17 14.43 -7.74
C LYS C 234 -24.46 15.04 -6.53
N SER C 235 -23.89 16.23 -6.70
CA SER C 235 -23.21 16.93 -5.61
C SER C 235 -24.21 17.69 -4.74
N SER C 236 -23.78 18.08 -3.55
CA SER C 236 -24.61 18.83 -2.62
C SER C 236 -25.07 20.20 -3.16
N ASN C 237 -24.24 20.84 -4.00
CA ASN C 237 -24.56 22.13 -4.59
C ASN C 237 -24.21 22.19 -6.11
N PRO C 238 -25.11 21.71 -6.98
CA PRO C 238 -24.81 21.59 -8.43
C PRO C 238 -24.43 22.90 -9.14
N VAL C 239 -25.16 23.99 -8.88
CA VAL C 239 -24.86 25.26 -9.53
C VAL C 239 -23.46 25.79 -9.15
N ARG C 240 -23.06 25.61 -7.89
CA ARG C 240 -21.74 26.04 -7.43
C ARG C 240 -20.64 25.24 -8.12
N LEU C 241 -20.81 23.93 -8.21
CA LEU C 241 -19.81 23.08 -8.86
C LEU C 241 -19.70 23.34 -10.37
N ALA C 242 -20.84 23.45 -11.06
CA ALA C 242 -20.84 23.74 -12.50
C ALA C 242 -20.13 25.07 -12.83
N THR C 243 -20.45 26.11 -12.05
CA THR C 243 -19.83 27.41 -12.24
C THR C 243 -18.30 27.36 -12.06
N ALA C 244 -17.87 26.61 -11.03
CA ALA C 244 -16.45 26.46 -10.73
C ALA C 244 -15.69 25.70 -11.84
N VAL C 245 -16.32 24.66 -12.38
CA VAL C 245 -15.71 23.92 -13.51
C VAL C 245 -15.58 24.81 -14.76
N VAL C 246 -16.62 25.60 -15.05
CA VAL C 246 -16.57 26.58 -16.16
C VAL C 246 -15.44 27.62 -15.96
N GLU C 247 -15.32 28.15 -14.74
CA GLU C 247 -14.29 29.15 -14.46
C GLU C 247 -12.86 28.58 -14.56
N ALA C 248 -12.67 27.35 -14.11
CA ALA C 248 -11.35 26.68 -14.20
C ALA C 248 -10.94 26.32 -15.64
N THR C 249 -11.91 25.96 -16.47
CA THR C 249 -11.64 25.66 -17.89
C THR C 249 -11.22 26.93 -18.65
N THR C 250 -11.85 28.07 -18.32
CA THR C 250 -11.47 29.37 -18.90
C THR C 250 -10.09 29.86 -18.43
N HIS C 251 -9.93 29.94 -17.10
CA HIS C 251 -8.72 30.46 -16.45
C HIS C 251 -7.72 29.33 -16.11
N PHE C 252 -7.42 28.48 -17.08
CA PHE C 252 -6.74 27.21 -16.80
C PHE C 252 -5.27 27.29 -16.37
N ASP C 253 -4.60 28.42 -16.61
CA ASP C 253 -3.22 28.59 -16.14
C ASP C 253 -3.03 29.84 -15.23
N ASN C 254 -4.02 30.08 -14.36
CA ASN C 254 -3.94 31.12 -13.34
C ASN C 254 -4.12 30.54 -11.93
N PRO C 255 -3.01 30.23 -11.21
CA PRO C 255 -3.11 29.52 -9.93
C PRO C 255 -3.92 30.18 -8.82
N SER C 256 -3.87 31.52 -8.73
N SER C 256 -3.87 31.52 -8.74
CA SER C 256 -4.66 32.23 -7.72
CA SER C 256 -4.65 32.26 -7.75
C SER C 256 -6.17 32.06 -7.95
C SER C 256 -6.16 32.08 -7.96
N LYS C 257 -6.59 32.09 -9.22
CA LYS C 257 -8.00 31.86 -9.57
C LYS C 257 -8.41 30.40 -9.31
N LEU C 258 -7.54 29.45 -9.64
CA LEU C 258 -7.82 28.03 -9.41
C LEU C 258 -7.98 27.71 -7.91
N LEU C 259 -7.18 28.35 -7.06
CA LEU C 259 -7.33 28.19 -5.60
C LEU C 259 -8.69 28.74 -5.13
N GLU C 260 -9.04 29.92 -5.62
CA GLU C 260 -10.30 30.60 -5.30
C GLU C 260 -11.52 29.70 -5.59
N VAL C 261 -11.59 29.15 -6.80
CA VAL C 261 -12.77 28.36 -7.21
C VAL C 261 -12.82 26.95 -6.60
N SER C 262 -11.68 26.46 -6.12
CA SER C 262 -11.60 25.12 -5.50
C SER C 262 -11.94 25.11 -4.00
N SER C 263 -12.05 26.30 -3.40
CA SER C 263 -12.23 26.41 -1.94
C SER C 263 -13.71 26.31 -1.52
N ASP C 264 -13.96 25.49 -0.50
CA ASP C 264 -15.32 25.29 0.07
C ASP C 264 -16.34 24.79 -0.97
N LEU C 265 -15.98 23.72 -1.67
CA LEU C 265 -16.81 23.16 -2.76
C LEU C 265 -17.95 22.26 -2.31
N GLY C 266 -17.84 21.70 -1.11
CA GLY C 266 -18.85 20.77 -0.60
C GLY C 266 -18.60 19.33 -1.03
N GLU C 267 -19.54 18.45 -0.70
CA GLU C 267 -19.40 17.01 -0.94
C GLU C 267 -19.64 16.65 -2.41
N LEU C 268 -18.66 16.02 -3.03
CA LEU C 268 -18.79 15.55 -4.41
C LEU C 268 -19.48 14.20 -4.50
O1 G3H D . 21.59 -1.93 10.66
C1 G3H D . 22.01 -3.20 11.10
C2 G3H D . 21.01 -3.76 12.10
O2 G3H D . 21.16 -3.07 13.32
C3 G3H D . 21.26 -5.25 12.32
O1P G3H D . 21.06 -5.97 11.13
O2P G3H D . 22.31 -7.14 9.24
O3P G3H D . 21.33 -8.52 11.02
O4P G3H D . 23.31 -7.13 11.48
P G3H D . 22.01 -7.21 10.71
O1 G3H E . 2.47 19.03 -21.74
C1 G3H E . 3.55 18.63 -20.92
C2 G3H E . 3.15 18.72 -19.44
O2 G3H E . 2.74 20.04 -19.13
C3 G3H E . 4.32 18.31 -18.55
O1P G3H E . 4.49 16.91 -18.60
O2P G3H E . 7.00 17.18 -18.15
O3P G3H E . 5.86 15.13 -17.40
O4P G3H E . 6.29 15.51 -19.79
P G3H E . 5.92 16.18 -18.48
O1 G3H F . -24.58 -1.92 -47.05
C1 G3H F . -23.88 -0.70 -46.98
C2 G3H F . -24.28 0.04 -45.71
O2 G3H F . -25.44 0.80 -45.94
C3 G3H F . -23.14 0.95 -45.28
O1P G3H F . -22.05 0.16 -44.87
O2P G3H F . -20.34 1.57 -46.09
O3P G3H F . -19.54 -0.33 -44.73
O4P G3H F . -20.44 1.69 -43.62
P G3H F . -20.57 0.77 -44.82
#